data_5QSZ
#
_entry.id   5QSZ
#
_cell.length_a   154.972
_cell.length_b   167.338
_cell.length_c   47.677
_cell.angle_alpha   90.000
_cell.angle_beta   90.000
_cell.angle_gamma   90.000
#
_symmetry.space_group_name_H-M   'P 21 21 2'
#
loop_
_entity.id
_entity.type
_entity.pdbx_description
1 polymer 'Cohesin subunit SA-1'
2 non-polymer N-ethyl-6-methylpyridazin-3-amine
3 water water
#
_entity_poly.entity_id   1
_entity_poly.type   'polypeptide(L)'
_entity_poly.pdbx_seq_one_letter_code
;SMSPNGNLIRMLVLFFLESELHEHAAYLVDSLWESSQELLKDWECMTELLLEEPVQGEEAMSDRQESALIELMVCTIRQA
AEAHPPVGRGTGKRVLTAKERKTQIDDRNKLTEHFIITLPMLLSKYSADAEKVANLLQIPQYFDLEIYSTGRMEKHLDAL
LKQIKFVVEKHVESDVLEACSKTYSILCSEEYTIQNRVDIARSQLIDEFVDRFNHSVEDLLQEGEEADDDDIYNVLSTLK
RLTSFHNAHDLTKWDLFGNCYRLLKTGIEHGAMPEQIVVQALQCSHYSILWQLVKITDGSPSKEDLLVLRKTVKSFLAVC
QQCLSNVNTPVKEQAFMLLCDLLMIFSHQLMTGGREGLQPLVFNPDTGLQSELLSFVMDHVFIDQDEENQSMEGDEEDEA
NKIEALHKRRNLLAAFSKLIIYDIVDMHAAADIFKHYMKYYNDYGDIIKETLSKTRQID
;
_entity_poly.pdbx_strand_id   A,B
#
# COMPACT_ATOMS: atom_id res chain seq x y z
N MET A 2 -10.91 -44.99 -12.00
CA MET A 2 -10.79 -44.08 -13.19
C MET A 2 -12.16 -43.87 -13.86
N SER A 3 -12.65 -44.91 -14.54
CA SER A 3 -14.07 -45.07 -14.92
C SER A 3 -14.87 -45.96 -13.93
N PRO A 4 -14.22 -46.84 -13.10
CA PRO A 4 -14.96 -47.47 -11.98
C PRO A 4 -15.48 -46.53 -10.89
N ASN A 5 -14.70 -45.51 -10.55
CA ASN A 5 -15.19 -44.44 -9.70
C ASN A 5 -16.09 -43.46 -10.45
N GLY A 6 -15.90 -43.32 -11.75
CA GLY A 6 -16.85 -42.52 -12.56
C GLY A 6 -18.25 -43.12 -12.71
N ASN A 7 -18.34 -44.45 -12.58
CA ASN A 7 -19.61 -45.14 -12.51
C ASN A 7 -20.24 -44.85 -11.17
N LEU A 8 -19.49 -45.07 -10.10
CA LEU A 8 -20.00 -44.85 -8.74
C LEU A 8 -20.43 -43.41 -8.50
N ILE A 9 -19.68 -42.46 -9.02
CA ILE A 9 -20.02 -41.03 -8.89
C ILE A 9 -21.21 -40.59 -9.76
N ARG A 10 -21.33 -41.14 -10.98
CA ARG A 10 -22.49 -40.85 -11.85
C ARG A 10 -23.82 -41.29 -11.24
N MET A 11 -23.81 -42.44 -10.57
CA MET A 11 -25.01 -42.99 -9.93
C MET A 11 -25.26 -42.33 -8.57
N LEU A 12 -24.21 -41.86 -7.90
CA LEU A 12 -24.40 -41.08 -6.68
C LEU A 12 -25.10 -39.76 -6.97
N VAL A 13 -24.79 -39.11 -8.09
CA VAL A 13 -25.51 -37.91 -8.53
C VAL A 13 -26.96 -38.25 -8.84
N LEU A 14 -27.20 -39.44 -9.41
CA LEU A 14 -28.58 -39.90 -9.69
C LEU A 14 -29.40 -40.18 -8.41
N PHE A 15 -28.79 -40.83 -7.42
CA PHE A 15 -29.50 -41.11 -6.14
C PHE A 15 -29.86 -39.80 -5.38
N PHE A 16 -29.06 -38.75 -5.57
CA PHE A 16 -29.33 -37.43 -4.97
C PHE A 16 -30.53 -36.76 -5.61
N LEU A 17 -30.54 -36.73 -6.95
CA LEU A 17 -31.60 -36.05 -7.69
C LEU A 17 -32.92 -36.81 -7.67
N GLU A 18 -32.88 -38.07 -8.09
CA GLU A 18 -34.10 -38.85 -8.34
C GLU A 18 -34.90 -39.16 -7.07
N SER A 19 -34.21 -39.49 -5.98
CA SER A 19 -34.86 -39.63 -4.69
C SER A 19 -34.79 -38.31 -3.92
N GLU A 20 -35.92 -37.87 -3.38
CA GLU A 20 -35.91 -36.74 -2.47
C GLU A 20 -35.42 -37.18 -1.08
N LEU A 21 -34.81 -38.38 -0.95
CA LEU A 21 -34.23 -38.88 0.35
C LEU A 21 -33.12 -38.04 1.00
N HIS A 22 -32.41 -37.26 0.18
CA HIS A 22 -31.52 -36.22 0.67
C HIS A 22 -31.86 -34.94 -0.06
N GLU A 23 -32.24 -33.93 0.72
CA GLU A 23 -32.73 -32.64 0.23
C GLU A 23 -31.57 -31.69 -0.01
N HIS A 24 -30.58 -31.76 0.88
CA HIS A 24 -29.35 -30.98 0.81
C HIS A 24 -28.13 -31.84 0.50
N ALA A 25 -27.44 -31.50 -0.58
CA ALA A 25 -26.19 -32.13 -0.94
C ALA A 25 -25.22 -32.21 0.23
N ALA A 26 -25.02 -31.10 0.96
CA ALA A 26 -24.08 -31.05 2.08
C ALA A 26 -24.32 -32.16 3.12
N TYR A 27 -25.59 -32.45 3.38
CA TYR A 27 -25.98 -33.48 4.35
C TYR A 27 -25.75 -34.90 3.83
N LEU A 28 -26.03 -35.12 2.53
CA LEU A 28 -25.75 -36.40 1.81
C LEU A 28 -24.27 -36.80 1.86
N VAL A 29 -23.42 -35.81 1.60
CA VAL A 29 -21.96 -36.00 1.54
C VAL A 29 -21.48 -36.36 2.93
N ASP A 30 -21.86 -35.52 3.88
CA ASP A 30 -21.52 -35.71 5.29
C ASP A 30 -21.91 -37.08 5.85
N SER A 31 -23.04 -37.63 5.39
CA SER A 31 -23.53 -38.92 5.86
C SER A 31 -22.69 -40.09 5.33
N LEU A 32 -22.31 -40.01 4.06
CA LEU A 32 -21.41 -40.98 3.46
C LEU A 32 -19.93 -40.83 3.85
N TRP A 33 -19.56 -39.73 4.52
CA TRP A 33 -18.15 -39.33 4.68
C TRP A 33 -17.29 -40.27 5.50
N GLU A 34 -17.89 -40.96 6.46
CA GLU A 34 -17.18 -42.00 7.21
C GLU A 34 -16.89 -43.18 6.29
N SER A 35 -17.93 -43.64 5.59
CA SER A 35 -17.86 -44.89 4.80
C SER A 35 -17.32 -44.73 3.39
N SER A 36 -17.25 -43.50 2.92
CA SER A 36 -16.97 -43.24 1.52
C SER A 36 -16.11 -41.98 1.29
N GLN A 37 -15.08 -41.81 2.12
CA GLN A 37 -14.20 -40.65 1.99
C GLN A 37 -13.33 -40.78 0.74
N GLU A 38 -12.70 -41.95 0.59
CA GLU A 38 -11.88 -42.32 -0.58
C GLU A 38 -12.54 -41.86 -1.88
N LEU A 39 -13.76 -42.33 -2.10
CA LEU A 39 -14.53 -42.01 -3.31
C LEU A 39 -14.82 -40.52 -3.47
N LEU A 40 -15.25 -39.90 -2.38
CA LEU A 40 -15.72 -38.51 -2.40
C LEU A 40 -14.60 -37.48 -2.52
N LYS A 41 -13.36 -37.91 -2.25
CA LYS A 41 -12.18 -37.11 -2.56
C LYS A 41 -11.40 -37.66 -3.79
N ASP A 42 -12.12 -38.15 -4.81
CA ASP A 42 -11.52 -38.45 -6.10
C ASP A 42 -11.86 -37.27 -7.00
N TRP A 43 -11.23 -36.12 -6.72
CA TRP A 43 -11.53 -34.86 -7.42
C TRP A 43 -11.11 -34.90 -8.90
N GLU A 44 -10.06 -35.66 -9.19
CA GLU A 44 -9.66 -35.86 -10.59
C GLU A 44 -10.78 -36.53 -11.38
N CYS A 45 -11.37 -37.57 -10.79
CA CYS A 45 -12.50 -38.26 -11.39
C CYS A 45 -13.67 -37.35 -11.72
N MET A 46 -13.95 -36.42 -10.82
CA MET A 46 -15.08 -35.48 -10.98
C MET A 46 -14.80 -34.47 -12.10
N THR A 47 -13.70 -33.71 -11.95
CA THR A 47 -13.32 -32.70 -12.93
C THR A 47 -13.25 -33.31 -14.32
N GLU A 48 -12.82 -34.58 -14.38
CA GLU A 48 -12.81 -35.36 -15.62
C GLU A 48 -14.21 -35.45 -16.18
N LEU A 49 -15.12 -36.03 -15.41
CA LEU A 49 -16.51 -36.17 -15.83
C LEU A 49 -17.09 -34.87 -16.35
N LEU A 50 -16.78 -33.78 -15.66
CA LEU A 50 -17.27 -32.46 -16.03
C LEU A 50 -16.63 -31.87 -17.29
N LEU A 51 -15.38 -32.20 -17.54
CA LEU A 51 -14.66 -31.59 -18.65
C LEU A 51 -14.63 -32.44 -19.94
N GLU A 52 -14.63 -33.77 -19.82
CA GLU A 52 -14.54 -34.65 -21.00
C GLU A 52 -15.74 -34.60 -21.94
N GLU A 53 -15.58 -35.21 -23.12
CA GLU A 53 -16.65 -35.36 -24.12
C GLU A 53 -16.98 -36.84 -24.32
N PRO A 54 -18.28 -37.17 -24.50
CA PRO A 54 -18.72 -38.58 -24.33
C PRO A 54 -18.36 -39.55 -25.47
N VAL A 55 -18.53 -40.85 -25.19
CA VAL A 55 -18.23 -41.93 -26.15
C VAL A 55 -19.51 -42.44 -26.85
N GLU A 58 -21.30 -45.38 -24.61
CA GLU A 58 -21.80 -44.04 -24.92
C GLU A 58 -22.49 -43.37 -23.70
N GLU A 59 -23.22 -42.25 -23.93
CA GLU A 59 -24.11 -41.51 -22.94
C GLU A 59 -23.46 -40.25 -22.29
N ALA A 60 -23.98 -39.07 -22.62
CA ALA A 60 -23.52 -37.77 -22.05
C ALA A 60 -24.22 -37.44 -20.73
N MET A 61 -23.79 -36.36 -20.06
CA MET A 61 -24.46 -35.86 -18.86
C MET A 61 -25.47 -34.76 -19.22
N SER A 62 -26.61 -34.77 -18.55
CA SER A 62 -27.68 -33.80 -18.77
C SER A 62 -27.38 -32.57 -17.94
N ASP A 63 -27.94 -31.44 -18.36
CA ASP A 63 -27.60 -30.14 -17.75
C ASP A 63 -27.86 -30.09 -16.24
N ARG A 64 -28.89 -30.81 -15.77
CA ARG A 64 -29.21 -30.92 -14.33
C ARG A 64 -28.16 -31.72 -13.56
N GLN A 65 -27.75 -32.87 -14.11
CA GLN A 65 -26.81 -33.77 -13.44
C GLN A 65 -25.41 -33.17 -13.42
N GLU A 66 -25.10 -32.41 -14.48
CA GLU A 66 -23.88 -31.62 -14.48
C GLU A 66 -23.90 -30.68 -13.26
N SER A 67 -24.96 -29.87 -13.13
CA SER A 67 -25.10 -28.96 -11.97
C SER A 67 -24.98 -29.63 -10.60
N ALA A 68 -25.62 -30.79 -10.48
CA ALA A 68 -25.62 -31.55 -9.22
C ALA A 68 -24.24 -32.02 -8.85
N LEU A 69 -23.51 -32.52 -9.84
CA LEU A 69 -22.14 -32.98 -9.61
C LEU A 69 -21.26 -31.84 -9.08
N ILE A 70 -21.36 -30.66 -9.70
CA ILE A 70 -20.63 -29.49 -9.24
C ILE A 70 -20.98 -29.16 -7.80
N GLU A 71 -22.28 -29.19 -7.44
CA GLU A 71 -22.70 -28.85 -6.08
C GLU A 71 -22.20 -29.88 -5.07
N LEU A 72 -22.27 -31.16 -5.46
CA LEU A 72 -21.73 -32.24 -4.63
C LEU A 72 -20.23 -32.11 -4.44
N MET A 73 -19.53 -31.90 -5.55
CA MET A 73 -18.07 -31.69 -5.56
C MET A 73 -17.67 -30.63 -4.52
N VAL A 74 -18.29 -29.46 -4.61
CA VAL A 74 -17.97 -28.34 -3.73
C VAL A 74 -18.12 -28.70 -2.24
N CYS A 75 -19.12 -29.52 -1.92
CA CYS A 75 -19.36 -29.99 -0.54
C CYS A 75 -18.29 -30.99 -0.04
N THR A 76 -17.78 -31.81 -0.94
CA THR A 76 -16.67 -32.69 -0.63
C THR A 76 -15.39 -31.89 -0.40
N ILE A 77 -15.18 -30.87 -1.23
CA ILE A 77 -14.06 -29.91 -1.10
C ILE A 77 -14.07 -29.23 0.27
N ARG A 78 -15.25 -28.76 0.68
CA ARG A 78 -15.46 -28.14 1.98
C ARG A 78 -15.20 -29.13 3.12
N GLN A 79 -15.82 -30.31 3.05
CA GLN A 79 -15.68 -31.24 4.16
C GLN A 79 -14.24 -31.68 4.33
N ALA A 80 -13.49 -31.77 3.24
CA ALA A 80 -12.09 -32.12 3.33
C ALA A 80 -11.30 -30.96 3.93
N ALA A 81 -11.46 -29.75 3.40
CA ALA A 81 -10.72 -28.59 3.90
C ALA A 81 -10.93 -28.38 5.40
N GLU A 82 -12.21 -28.32 5.80
CA GLU A 82 -12.61 -27.98 7.18
C GLU A 82 -12.54 -29.17 8.14
N ALA A 83 -12.59 -30.39 7.62
CA ALA A 83 -12.49 -31.64 8.41
C ALA A 83 -13.55 -31.80 9.50
N HIS A 84 -14.72 -31.18 9.31
CA HIS A 84 -15.86 -31.30 10.22
C HIS A 84 -17.18 -31.31 9.43
N PRO A 85 -18.25 -31.95 9.98
CA PRO A 85 -19.58 -31.95 9.35
C PRO A 85 -20.15 -30.53 9.11
N PRO A 86 -20.92 -30.34 8.01
CA PRO A 86 -21.32 -28.98 7.60
C PRO A 86 -22.25 -28.32 8.58
N VAL A 87 -22.43 -27.02 8.43
CA VAL A 87 -23.17 -26.24 9.40
C VAL A 87 -24.63 -26.73 9.40
N GLY A 88 -25.07 -27.19 10.56
CA GLY A 88 -26.36 -27.87 10.68
C GLY A 88 -26.27 -29.31 11.13
N ARG A 89 -25.12 -29.96 10.92
CA ARG A 89 -24.89 -31.31 11.46
C ARG A 89 -23.69 -31.33 12.43
N GLY A 90 -23.21 -30.15 12.87
CA GLY A 90 -22.04 -30.06 13.75
C GLY A 90 -22.29 -30.63 15.14
N THR A 91 -21.31 -30.46 16.04
CA THR A 91 -21.48 -30.82 17.46
C THR A 91 -20.71 -29.85 18.35
N ARG A 94 -15.20 -31.30 18.47
CA ARG A 94 -14.43 -30.61 17.43
C ARG A 94 -12.98 -31.13 17.27
N VAL A 95 -12.41 -31.78 18.31
CA VAL A 95 -10.95 -32.08 18.40
C VAL A 95 -10.45 -33.32 17.59
N LEU A 96 -9.40 -33.13 16.78
CA LEU A 96 -8.94 -34.13 15.81
C LEU A 96 -7.80 -34.99 16.32
N THR A 97 -7.71 -36.21 15.79
CA THR A 97 -6.57 -37.11 16.05
C THR A 97 -5.39 -36.75 15.16
N ALA A 98 -4.21 -37.26 15.50
CA ALA A 98 -2.99 -36.96 14.75
C ALA A 98 -3.11 -37.32 13.28
N LYS A 99 -3.68 -38.51 13.03
CA LYS A 99 -3.93 -39.03 11.68
C LYS A 99 -5.02 -38.28 10.91
N GLU A 100 -6.04 -37.81 11.64
CA GLU A 100 -7.10 -36.94 11.06
C GLU A 100 -6.49 -35.59 10.65
N ARG A 101 -5.68 -35.02 11.53
CA ARG A 101 -5.02 -33.75 11.25
C ARG A 101 -4.04 -33.90 10.07
N LYS A 102 -3.28 -34.99 10.07
CA LYS A 102 -2.41 -35.38 8.95
C LYS A 102 -3.17 -35.45 7.62
N THR A 103 -4.36 -36.05 7.65
CA THR A 103 -5.21 -36.21 6.46
C THR A 103 -5.72 -34.89 5.95
N GLN A 104 -6.18 -34.03 6.86
CA GLN A 104 -6.62 -32.67 6.54
C GLN A 104 -5.60 -31.89 5.71
N ILE A 105 -4.34 -31.95 6.13
CA ILE A 105 -3.28 -31.18 5.45
C ILE A 105 -3.10 -31.75 4.04
N ASP A 106 -3.04 -33.09 3.98
CA ASP A 106 -2.79 -33.83 2.72
C ASP A 106 -3.90 -33.61 1.68
N ASP A 107 -5.14 -33.53 2.16
CA ASP A 107 -6.31 -33.26 1.31
C ASP A 107 -6.29 -31.83 0.82
N ARG A 108 -6.04 -30.90 1.75
CA ARG A 108 -5.94 -29.49 1.41
C ARG A 108 -4.91 -29.25 0.33
N ASN A 109 -3.78 -29.95 0.43
CA ASN A 109 -2.75 -29.89 -0.61
C ASN A 109 -3.28 -30.41 -1.98
N LYS A 110 -3.91 -31.58 -1.95
CA LYS A 110 -4.45 -32.24 -3.15
C LYS A 110 -5.46 -31.40 -3.95
N LEU A 111 -6.49 -30.93 -3.27
CA LEU A 111 -7.51 -30.11 -3.90
C LEU A 111 -6.99 -28.75 -4.34
N THR A 112 -5.99 -28.22 -3.63
CA THR A 112 -5.41 -26.96 -4.04
C THR A 112 -4.69 -27.14 -5.35
N GLU A 113 -3.68 -28.03 -5.33
CA GLU A 113 -2.85 -28.30 -6.53
C GLU A 113 -3.75 -28.61 -7.69
N HIS A 114 -4.79 -29.40 -7.40
CA HIS A 114 -5.72 -29.85 -8.43
C HIS A 114 -6.54 -28.70 -8.97
N PHE A 115 -7.27 -28.04 -8.07
CA PHE A 115 -8.26 -27.10 -8.52
C PHE A 115 -7.65 -25.83 -9.04
N ILE A 116 -6.42 -25.51 -8.61
CA ILE A 116 -5.70 -24.39 -9.22
C ILE A 116 -5.61 -24.62 -10.71
N ILE A 117 -5.19 -25.85 -11.07
CA ILE A 117 -5.05 -26.26 -12.46
C ILE A 117 -6.40 -26.33 -13.15
N THR A 118 -7.38 -26.94 -12.47
CA THR A 118 -8.66 -27.37 -13.06
C THR A 118 -9.84 -26.38 -12.95
N LEU A 119 -9.82 -25.49 -11.97
CA LEU A 119 -10.94 -24.55 -11.76
C LEU A 119 -11.07 -23.52 -12.87
N PRO A 120 -9.94 -23.08 -13.43
CA PRO A 120 -10.03 -22.21 -14.59
C PRO A 120 -10.67 -22.88 -15.80
N MET A 121 -10.46 -24.19 -15.94
CA MET A 121 -11.01 -24.96 -17.06
C MET A 121 -12.52 -25.18 -16.89
N LEU A 122 -12.95 -25.37 -15.64
CA LEU A 122 -14.36 -25.55 -15.31
C LEU A 122 -15.08 -24.24 -15.59
N LEU A 123 -14.55 -23.15 -15.07
CA LEU A 123 -15.12 -21.82 -15.31
C LEU A 123 -15.21 -21.46 -16.78
N SER A 124 -14.22 -21.90 -17.56
CA SER A 124 -14.17 -21.58 -18.97
C SER A 124 -15.33 -22.27 -19.68
N LYS A 125 -15.46 -23.59 -19.46
CA LYS A 125 -16.49 -24.42 -20.07
C LYS A 125 -17.89 -23.95 -19.71
N TYR A 126 -18.13 -23.68 -18.44
CA TYR A 126 -19.45 -23.29 -17.96
C TYR A 126 -19.63 -21.75 -17.74
N SER A 127 -18.89 -20.91 -18.48
CA SER A 127 -18.84 -19.45 -18.27
C SER A 127 -20.17 -18.66 -18.32
N ALA A 128 -21.24 -19.24 -18.86
CA ALA A 128 -22.56 -18.57 -18.93
C ALA A 128 -23.69 -19.20 -18.04
N ASP A 129 -23.34 -20.19 -17.23
CA ASP A 129 -24.30 -20.91 -16.40
C ASP A 129 -24.18 -20.37 -14.98
N ALA A 130 -24.91 -19.29 -14.72
CA ALA A 130 -24.81 -18.53 -13.48
C ALA A 130 -24.82 -19.38 -12.20
N GLU A 131 -25.72 -20.36 -12.12
CA GLU A 131 -25.81 -21.26 -10.95
C GLU A 131 -24.52 -22.04 -10.84
N LYS A 132 -24.17 -22.74 -11.91
CA LYS A 132 -22.91 -23.46 -11.98
C LYS A 132 -21.67 -22.59 -11.66
N VAL A 133 -21.56 -21.42 -12.28
CA VAL A 133 -20.37 -20.54 -12.13
C VAL A 133 -20.22 -20.07 -10.68
N ALA A 134 -21.34 -19.63 -10.12
CA ALA A 134 -21.35 -19.19 -8.75
C ALA A 134 -21.01 -20.32 -7.77
N ASN A 135 -21.33 -21.55 -8.15
CA ASN A 135 -21.07 -22.70 -7.28
C ASN A 135 -19.61 -23.09 -7.33
N LEU A 136 -19.00 -23.00 -8.52
CA LEU A 136 -17.57 -23.27 -8.67
C LEU A 136 -16.68 -22.25 -7.93
N LEU A 137 -17.08 -20.97 -7.96
CA LEU A 137 -16.34 -19.88 -7.30
C LEU A 137 -16.35 -19.90 -5.77
N GLN A 138 -17.06 -20.87 -5.19
CA GLN A 138 -16.98 -21.18 -3.76
C GLN A 138 -15.71 -21.93 -3.44
N ILE A 139 -14.95 -22.37 -4.43
CA ILE A 139 -13.83 -23.27 -4.20
C ILE A 139 -12.57 -22.62 -3.62
N PRO A 140 -12.14 -21.45 -4.17
CA PRO A 140 -10.85 -20.87 -3.75
C PRO A 140 -10.72 -20.46 -2.29
N GLN A 141 -11.85 -20.26 -1.62
CA GLN A 141 -11.83 -20.04 -0.18
C GLN A 141 -11.17 -21.20 0.61
N TYR A 142 -11.16 -22.40 0.02
CA TYR A 142 -10.55 -23.59 0.63
C TYR A 142 -9.11 -23.84 0.23
N PHE A 143 -8.64 -23.12 -0.79
CA PHE A 143 -7.26 -23.17 -1.26
C PHE A 143 -6.24 -22.89 -0.17
N ASP A 144 -5.11 -23.58 -0.33
CA ASP A 144 -3.87 -23.37 0.40
C ASP A 144 -3.12 -22.33 -0.41
N LEU A 145 -3.62 -21.09 -0.37
CA LEU A 145 -3.25 -20.01 -1.31
C LEU A 145 -1.75 -19.79 -1.58
N GLU A 146 -0.89 -20.15 -0.62
CA GLU A 146 0.57 -20.11 -0.79
C GLU A 146 1.11 -20.98 -1.94
N ILE A 147 0.37 -22.02 -2.30
CA ILE A 147 0.75 -22.89 -3.42
C ILE A 147 0.81 -22.15 -4.77
N TYR A 148 0.16 -20.98 -4.91
CA TYR A 148 0.34 -20.18 -6.13
C TYR A 148 1.81 -19.75 -6.38
N SER A 149 2.64 -19.71 -5.32
CA SER A 149 4.11 -19.55 -5.47
C SER A 149 4.82 -20.91 -5.61
N THR A 150 4.76 -21.75 -4.55
CA THR A 150 5.31 -23.13 -4.48
C THR A 150 5.37 -23.94 -5.80
N GLY A 151 4.22 -24.20 -6.44
CA GLY A 151 4.19 -24.99 -7.68
C GLY A 151 4.66 -24.26 -8.93
N ARG A 152 5.16 -23.03 -8.75
CA ARG A 152 5.54 -22.07 -9.81
C ARG A 152 4.31 -21.82 -10.67
N MET A 153 3.19 -21.70 -9.95
CA MET A 153 1.87 -21.87 -10.52
C MET A 153 1.23 -20.56 -10.99
N GLU A 154 2.02 -19.49 -10.95
CA GLU A 154 1.64 -18.19 -11.47
C GLU A 154 0.84 -18.28 -12.78
N LYS A 155 1.15 -19.25 -13.62
CA LYS A 155 0.42 -19.41 -14.88
C LYS A 155 -1.09 -19.61 -14.66
N HIS A 156 -1.47 -20.38 -13.64
CA HIS A 156 -2.89 -20.68 -13.40
C HIS A 156 -3.62 -19.67 -12.51
N LEU A 157 -2.88 -18.88 -11.75
CA LEU A 157 -3.47 -17.74 -11.08
C LEU A 157 -3.95 -16.74 -12.13
N ASP A 158 -3.09 -16.44 -13.11
CA ASP A 158 -3.47 -15.65 -14.28
C ASP A 158 -4.72 -16.22 -14.94
N ALA A 159 -4.78 -17.55 -15.06
CA ALA A 159 -5.86 -18.22 -15.79
C ALA A 159 -7.24 -18.11 -15.09
N LEU A 160 -7.24 -18.32 -13.78
CA LEU A 160 -8.43 -18.07 -12.94
C LEU A 160 -8.92 -16.62 -13.09
N LEU A 161 -7.98 -15.67 -13.05
CA LEU A 161 -8.26 -14.22 -13.18
C LEU A 161 -8.77 -13.83 -14.57
N LYS A 162 -8.28 -14.53 -15.59
CA LYS A 162 -8.81 -14.37 -16.94
C LYS A 162 -10.27 -14.78 -16.85
N GLN A 163 -10.53 -15.95 -16.27
CA GLN A 163 -11.89 -16.51 -16.29
C GLN A 163 -12.86 -15.76 -15.41
N ILE A 164 -12.40 -15.23 -14.28
CA ILE A 164 -13.23 -14.36 -13.44
C ILE A 164 -13.59 -13.06 -14.18
N LYS A 165 -12.61 -12.43 -14.82
CA LYS A 165 -12.87 -11.28 -15.70
C LYS A 165 -13.96 -11.60 -16.76
N PHE A 166 -13.90 -12.78 -17.40
CA PHE A 166 -14.95 -13.16 -18.37
C PHE A 166 -16.29 -13.21 -17.70
N VAL A 167 -16.35 -13.92 -16.58
CA VAL A 167 -17.59 -14.15 -15.86
C VAL A 167 -18.28 -12.80 -15.56
N VAL A 168 -17.53 -11.86 -14.98
CA VAL A 168 -18.08 -10.54 -14.58
C VAL A 168 -18.51 -9.70 -15.80
N GLU A 169 -17.81 -9.88 -16.91
CA GLU A 169 -18.18 -9.27 -18.19
C GLU A 169 -19.43 -9.92 -18.81
N LYS A 170 -19.61 -11.23 -18.62
CA LYS A 170 -20.78 -11.96 -19.16
C LYS A 170 -22.05 -11.81 -18.32
N HIS A 171 -21.94 -11.57 -17.01
CA HIS A 171 -23.07 -11.70 -16.08
C HIS A 171 -23.50 -10.47 -15.27
N VAL A 172 -24.78 -10.49 -14.87
CA VAL A 172 -25.38 -9.45 -14.02
C VAL A 172 -26.09 -10.02 -12.76
N GLU A 173 -26.24 -11.34 -12.63
CA GLU A 173 -26.97 -11.93 -11.50
C GLU A 173 -26.16 -11.67 -10.25
N SER A 174 -26.83 -11.32 -9.16
CA SER A 174 -26.13 -10.84 -7.96
C SER A 174 -25.36 -11.96 -7.26
N ASP A 175 -25.84 -13.19 -7.38
CA ASP A 175 -25.09 -14.36 -6.91
C ASP A 175 -23.71 -14.55 -7.56
N VAL A 176 -23.64 -14.32 -8.86
CA VAL A 176 -22.41 -14.54 -9.63
C VAL A 176 -21.39 -13.44 -9.32
N LEU A 177 -21.85 -12.20 -9.39
CA LEU A 177 -21.00 -11.03 -9.16
C LEU A 177 -20.44 -11.08 -7.76
N GLU A 178 -21.31 -11.19 -6.77
CA GLU A 178 -20.88 -11.33 -5.39
C GLU A 178 -19.93 -12.54 -5.19
N ALA A 179 -20.10 -13.60 -5.98
CA ALA A 179 -19.18 -14.72 -5.95
C ALA A 179 -17.79 -14.33 -6.50
N CYS A 180 -17.78 -13.53 -7.57
CA CYS A 180 -16.52 -13.00 -8.15
C CYS A 180 -15.78 -12.05 -7.22
N SER A 181 -16.51 -11.13 -6.61
CA SER A 181 -15.95 -10.18 -5.66
C SER A 181 -15.32 -10.86 -4.45
N LYS A 182 -16.08 -11.76 -3.83
CA LYS A 182 -15.56 -12.58 -2.73
C LYS A 182 -14.27 -13.30 -3.12
N THR A 183 -14.27 -13.88 -4.31
CA THR A 183 -13.10 -14.62 -4.80
C THR A 183 -11.87 -13.73 -4.98
N TYR A 184 -12.07 -12.46 -5.37
CA TYR A 184 -10.95 -11.50 -5.44
C TYR A 184 -10.37 -11.23 -4.05
N SER A 185 -11.24 -10.81 -3.13
CA SER A 185 -10.86 -10.61 -1.70
C SER A 185 -10.06 -11.77 -1.14
N ILE A 186 -10.50 -12.98 -1.46
CA ILE A 186 -9.82 -14.20 -1.05
C ILE A 186 -8.40 -14.20 -1.64
N LEU A 187 -8.30 -14.07 -2.96
CA LEU A 187 -7.01 -14.10 -3.64
C LEU A 187 -6.08 -12.95 -3.27
N CYS A 188 -6.62 -11.80 -2.88
CA CYS A 188 -5.80 -10.68 -2.36
C CYS A 188 -5.15 -10.99 -1.02
N SER A 189 -5.73 -10.50 0.07
CA SER A 189 -4.95 -10.25 1.28
C SER A 189 -4.75 -11.50 2.13
N GLU A 190 -4.50 -12.64 1.47
CA GLU A 190 -4.14 -13.86 2.16
C GLU A 190 -2.81 -14.45 1.68
N GLU A 191 -1.95 -13.63 1.05
CA GLU A 191 -0.56 -14.00 0.72
C GLU A 191 0.12 -12.82 0.02
N TYR A 192 1.25 -12.29 0.53
CA TYR A 192 1.84 -11.12 -0.16
C TYR A 192 2.32 -11.47 -1.55
N THR A 193 2.94 -12.65 -1.69
CA THR A 193 3.51 -13.10 -2.96
C THR A 193 2.57 -12.78 -4.14
N ILE A 194 1.32 -13.21 -4.01
CA ILE A 194 0.31 -13.07 -5.08
C ILE A 194 -0.50 -11.77 -5.03
N GLN A 195 -0.44 -11.03 -3.91
CA GLN A 195 -1.31 -9.88 -3.69
C GLN A 195 -1.18 -8.85 -4.81
N ASN A 196 0.05 -8.46 -5.13
CA ASN A 196 0.28 -7.41 -6.11
C ASN A 196 -0.27 -7.78 -7.49
N ARG A 197 -0.19 -9.07 -7.83
CA ARG A 197 -0.67 -9.53 -9.12
C ARG A 197 -2.19 -9.43 -9.20
N VAL A 198 -2.86 -9.89 -8.15
CA VAL A 198 -4.33 -9.89 -8.14
C VAL A 198 -4.84 -8.44 -8.10
N ASP A 199 -4.23 -7.61 -7.23
CA ASP A 199 -4.54 -6.17 -7.11
C ASP A 199 -4.67 -5.45 -8.46
N ILE A 200 -3.80 -5.83 -9.40
CA ILE A 200 -3.76 -5.20 -10.72
C ILE A 200 -4.92 -5.67 -11.60
N ALA A 201 -5.11 -6.98 -11.72
CA ALA A 201 -6.20 -7.53 -12.55
C ALA A 201 -7.52 -6.97 -12.06
N ARG A 202 -7.63 -6.83 -10.74
CA ARG A 202 -8.80 -6.22 -10.11
C ARG A 202 -8.97 -4.77 -10.53
N SER A 203 -8.02 -3.91 -10.15
CA SER A 203 -8.20 -2.47 -10.38
C SER A 203 -8.29 -2.14 -11.89
N GLN A 204 -7.83 -3.04 -12.76
CA GLN A 204 -8.12 -2.95 -14.19
C GLN A 204 -9.56 -3.34 -14.45
N LEU A 205 -9.97 -4.50 -13.91
CA LEU A 205 -11.36 -4.94 -14.01
C LEU A 205 -12.32 -3.80 -13.63
N ILE A 206 -12.02 -3.16 -12.51
CA ILE A 206 -12.82 -2.05 -12.01
C ILE A 206 -12.80 -0.89 -12.99
N ASP A 207 -11.60 -0.38 -13.29
CA ASP A 207 -11.40 0.74 -14.23
C ASP A 207 -12.23 0.61 -15.49
N GLU A 208 -12.20 -0.58 -16.10
CA GLU A 208 -12.93 -0.83 -17.33
C GLU A 208 -14.44 -0.72 -17.15
N PHE A 209 -14.92 -1.00 -15.94
CA PHE A 209 -16.35 -0.88 -15.58
C PHE A 209 -16.77 0.49 -15.08
N VAL A 210 -15.87 1.24 -14.45
CA VAL A 210 -16.18 2.61 -14.05
C VAL A 210 -16.27 3.50 -15.29
N ASP A 211 -15.32 3.36 -16.21
CA ASP A 211 -15.35 4.14 -17.44
C ASP A 211 -16.64 3.83 -18.21
N ARG A 212 -16.96 2.55 -18.35
CA ARG A 212 -18.20 2.14 -19.01
C ARG A 212 -19.44 2.73 -18.33
N PHE A 213 -19.57 2.56 -17.02
CA PHE A 213 -20.67 3.15 -16.20
C PHE A 213 -20.80 4.69 -16.35
N ASN A 214 -19.66 5.38 -16.28
CA ASN A 214 -19.59 6.84 -16.35
C ASN A 214 -20.11 7.35 -17.69
N HIS A 215 -19.68 6.71 -18.78
CA HIS A 215 -20.15 7.08 -20.12
C HIS A 215 -21.64 6.79 -20.21
N SER A 216 -22.08 5.67 -19.64
CA SER A 216 -23.50 5.27 -19.64
C SER A 216 -24.37 6.21 -18.85
N VAL A 217 -23.85 6.65 -17.70
CA VAL A 217 -24.52 7.63 -16.84
C VAL A 217 -24.71 8.92 -17.62
N GLU A 218 -23.64 9.40 -18.23
CA GLU A 218 -23.72 10.57 -19.09
C GLU A 218 -24.67 10.35 -20.25
N ASP A 219 -24.55 9.21 -20.94
CA ASP A 219 -25.48 8.85 -22.02
C ASP A 219 -26.93 9.04 -21.58
N LEU A 220 -27.31 8.31 -20.52
CA LEU A 220 -28.67 8.31 -20.01
C LEU A 220 -29.21 9.71 -19.75
N LEU A 221 -28.51 10.46 -18.92
CA LEU A 221 -28.98 11.75 -18.40
C LEU A 221 -29.16 12.87 -19.45
N GLN A 222 -28.28 12.92 -20.45
CA GLN A 222 -28.34 13.97 -21.46
C GLN A 222 -29.54 13.71 -22.40
N GLU A 223 -29.77 12.45 -22.77
CA GLU A 223 -30.90 12.03 -23.66
C GLU A 223 -32.24 12.37 -23.01
N GLU A 226 -37.08 11.12 -23.22
CA GLU A 226 -36.50 10.33 -24.31
C GLU A 226 -35.17 9.73 -23.85
N ALA A 227 -35.18 8.44 -23.56
CA ALA A 227 -33.96 7.68 -23.29
C ALA A 227 -34.14 6.24 -23.76
N ASP A 228 -33.09 5.68 -24.31
CA ASP A 228 -33.18 4.42 -25.00
C ASP A 228 -33.35 3.26 -24.00
N ASP A 229 -33.83 2.11 -24.47
CA ASP A 229 -33.75 0.86 -23.69
C ASP A 229 -32.30 0.41 -23.46
N ASP A 230 -31.38 0.83 -24.33
CA ASP A 230 -29.95 0.55 -24.16
C ASP A 230 -29.29 1.40 -23.12
N ASP A 231 -29.54 2.72 -23.20
CA ASP A 231 -29.02 3.71 -22.25
C ASP A 231 -29.34 3.25 -20.82
N ILE A 232 -30.55 2.71 -20.65
CA ILE A 232 -30.99 2.13 -19.39
C ILE A 232 -30.32 0.78 -19.07
N TYR A 233 -30.23 -0.11 -20.06
CA TYR A 233 -29.51 -1.40 -19.85
C TYR A 233 -28.07 -1.15 -19.39
N ASN A 234 -27.39 -0.26 -20.11
CA ASN A 234 -25.98 0.07 -19.90
C ASN A 234 -25.68 0.60 -18.51
N VAL A 235 -26.55 1.49 -18.02
CA VAL A 235 -26.36 2.12 -16.70
C VAL A 235 -26.49 1.04 -15.63
N LEU A 236 -27.60 0.33 -15.66
CA LEU A 236 -27.88 -0.71 -14.69
C LEU A 236 -26.83 -1.80 -14.70
N SER A 237 -26.58 -2.33 -15.89
CA SER A 237 -25.72 -3.50 -16.07
C SER A 237 -24.36 -3.26 -15.47
N THR A 238 -23.79 -2.09 -15.75
CA THR A 238 -22.47 -1.71 -15.19
C THR A 238 -22.54 -1.39 -13.71
N LEU A 239 -23.57 -0.64 -13.32
CA LEU A 239 -23.72 -0.24 -11.92
C LEU A 239 -23.78 -1.51 -11.02
N LYS A 240 -24.60 -2.49 -11.42
CA LYS A 240 -24.73 -3.77 -10.70
C LYS A 240 -23.39 -4.39 -10.35
N ARG A 241 -22.52 -4.48 -11.37
CA ARG A 241 -21.19 -5.04 -11.19
C ARG A 241 -20.40 -4.31 -10.11
N LEU A 242 -20.44 -2.99 -10.20
CA LEU A 242 -19.67 -2.15 -9.30
C LEU A 242 -20.22 -2.16 -7.89
N THR A 243 -21.54 -2.21 -7.77
CA THR A 243 -22.19 -2.27 -6.47
C THR A 243 -21.87 -3.60 -5.74
N SER A 244 -21.98 -4.72 -6.47
CA SER A 244 -21.64 -6.04 -5.92
C SER A 244 -20.26 -5.99 -5.32
N PHE A 245 -19.29 -5.55 -6.10
CA PHE A 245 -17.91 -5.41 -5.65
C PHE A 245 -17.73 -4.41 -4.53
N HIS A 246 -18.42 -3.27 -4.61
CA HIS A 246 -18.20 -2.18 -3.64
C HIS A 246 -18.42 -2.55 -2.18
N ASN A 247 -19.16 -3.64 -1.93
CA ASN A 247 -19.32 -4.15 -0.59
C ASN A 247 -18.02 -4.60 0.10
N ALA A 248 -17.25 -5.46 -0.55
CA ALA A 248 -16.00 -6.00 0.03
C ALA A 248 -14.74 -5.33 -0.48
N HIS A 249 -14.88 -4.45 -1.47
CA HIS A 249 -13.76 -3.75 -2.06
C HIS A 249 -13.97 -2.23 -1.93
N ASP A 250 -12.92 -1.54 -1.45
CA ASP A 250 -12.98 -0.09 -1.22
C ASP A 250 -12.83 0.66 -2.54
N LEU A 251 -13.91 0.95 -3.21
CA LEU A 251 -13.81 1.67 -4.48
C LEU A 251 -13.91 3.20 -4.35
N THR A 252 -13.58 3.76 -3.19
CA THR A 252 -13.73 5.22 -2.98
C THR A 252 -12.91 6.07 -3.96
N LYS A 253 -11.74 5.58 -4.39
CA LYS A 253 -10.84 6.34 -5.27
C LYS A 253 -11.54 6.75 -6.59
N TRP A 254 -12.49 5.94 -7.03
CA TRP A 254 -13.41 6.32 -8.11
C TRP A 254 -14.62 6.97 -7.42
N ASP A 255 -14.89 8.25 -7.65
CA ASP A 255 -16.04 8.90 -6.99
C ASP A 255 -17.35 8.38 -7.60
N LEU A 256 -17.78 7.21 -7.15
CA LEU A 256 -19.05 6.62 -7.60
C LEU A 256 -20.24 7.30 -6.94
N PHE A 257 -20.10 7.70 -5.68
CA PHE A 257 -21.20 8.36 -4.99
C PHE A 257 -21.81 9.53 -5.79
N GLY A 258 -20.96 10.31 -6.47
CA GLY A 258 -21.40 11.47 -7.23
C GLY A 258 -22.41 11.15 -8.32
N ASN A 259 -22.09 10.14 -9.13
CA ASN A 259 -22.95 9.73 -10.27
C ASN A 259 -24.19 8.98 -9.77
N CYS A 260 -24.04 8.16 -8.75
CA CYS A 260 -25.22 7.53 -8.18
C CYS A 260 -26.18 8.61 -7.68
N TYR A 261 -25.64 9.60 -6.96
CA TYR A 261 -26.42 10.71 -6.42
C TYR A 261 -27.20 11.49 -7.51
N ARG A 262 -26.60 11.66 -8.69
CA ARG A 262 -27.26 12.32 -9.85
C ARG A 262 -28.40 11.48 -10.39
N LEU A 263 -28.12 10.19 -10.62
CA LEU A 263 -29.11 9.18 -11.02
C LEU A 263 -30.34 9.19 -10.11
N LEU A 264 -30.11 9.26 -8.80
CA LEU A 264 -31.19 9.31 -7.81
C LEU A 264 -31.94 10.64 -7.85
N LYS A 265 -31.20 11.75 -7.91
CA LYS A 265 -31.75 13.09 -8.11
C LYS A 265 -32.63 13.22 -9.36
N THR A 266 -32.23 12.59 -10.46
CA THR A 266 -33.05 12.56 -11.68
C THR A 266 -34.34 11.74 -11.53
N GLY A 267 -34.25 10.68 -10.72
CA GLY A 267 -35.39 9.81 -10.41
C GLY A 267 -36.44 10.45 -9.54
N ILE A 268 -36.03 11.39 -8.70
CA ILE A 268 -36.96 12.17 -7.89
C ILE A 268 -37.51 13.33 -8.74
N GLU A 269 -36.62 14.21 -9.19
CA GLU A 269 -36.98 15.35 -10.05
C GLU A 269 -38.01 14.99 -11.12
N HIS A 270 -37.62 14.20 -12.12
CA HIS A 270 -38.45 13.96 -13.30
C HIS A 270 -39.25 12.68 -13.14
N GLY A 271 -39.06 11.98 -12.03
CA GLY A 271 -39.98 10.92 -11.62
C GLY A 271 -39.91 9.58 -12.35
N ALA A 272 -39.00 9.42 -13.32
CA ALA A 272 -39.04 8.25 -14.21
C ALA A 272 -37.68 7.58 -14.39
N MET A 273 -37.07 7.23 -13.25
CA MET A 273 -35.88 6.39 -13.21
C MET A 273 -36.32 4.94 -12.99
N PRO A 274 -35.86 3.99 -13.83
CA PRO A 274 -36.26 2.60 -13.64
C PRO A 274 -35.88 2.06 -12.27
N GLU A 275 -36.76 1.23 -11.70
CA GLU A 275 -36.67 0.81 -10.29
C GLU A 275 -35.32 0.18 -9.91
N GLN A 276 -34.82 -0.77 -10.69
CA GLN A 276 -33.56 -1.42 -10.34
C GLN A 276 -32.35 -0.45 -10.43
N ILE A 277 -32.39 0.56 -11.30
CA ILE A 277 -31.33 1.59 -11.28
C ILE A 277 -31.35 2.31 -9.95
N VAL A 278 -32.54 2.68 -9.49
CA VAL A 278 -32.64 3.41 -8.23
C VAL A 278 -32.13 2.57 -7.04
N VAL A 279 -32.50 1.28 -7.02
CA VAL A 279 -32.16 0.39 -5.91
C VAL A 279 -30.68 0.27 -5.80
N GLN A 280 -30.01 -0.02 -6.91
CA GLN A 280 -28.56 -0.21 -6.95
C GLN A 280 -27.82 1.09 -6.66
N ALA A 281 -28.22 2.16 -7.34
CA ALA A 281 -27.71 3.50 -7.08
C ALA A 281 -27.67 3.81 -5.57
N LEU A 282 -28.73 3.43 -4.86
CA LEU A 282 -28.76 3.55 -3.40
C LEU A 282 -27.69 2.68 -2.72
N GLN A 283 -27.79 1.37 -2.90
CA GLN A 283 -26.89 0.39 -2.30
C GLN A 283 -25.40 0.75 -2.48
N CYS A 284 -25.08 1.20 -3.70
CA CYS A 284 -23.74 1.66 -4.06
C CYS A 284 -23.31 2.84 -3.20
N SER A 285 -24.11 3.90 -3.25
CA SER A 285 -23.94 5.09 -2.39
C SER A 285 -23.72 4.73 -0.90
N HIS A 286 -24.51 3.79 -0.38
CA HIS A 286 -24.40 3.33 1.01
C HIS A 286 -23.03 2.69 1.29
N TYR A 287 -22.56 1.86 0.35
CA TYR A 287 -21.25 1.24 0.49
C TYR A 287 -20.12 2.25 0.35
N SER A 288 -20.31 3.30 -0.46
CA SER A 288 -19.33 4.41 -0.52
C SER A 288 -19.25 5.11 0.82
N ILE A 289 -20.42 5.32 1.43
CA ILE A 289 -20.51 6.02 2.70
C ILE A 289 -19.88 5.21 3.84
N LEU A 290 -20.14 3.90 3.91
CA LEU A 290 -19.52 3.04 4.94
C LEU A 290 -18.00 3.03 4.86
N TRP A 291 -17.51 3.02 3.64
CA TRP A 291 -16.08 2.95 3.38
C TRP A 291 -15.44 4.30 3.65
N GLN A 292 -16.13 5.40 3.32
CA GLN A 292 -15.65 6.75 3.68
C GLN A 292 -15.51 6.88 5.19
N LEU A 293 -16.48 6.31 5.91
CA LEU A 293 -16.48 6.31 7.37
C LEU A 293 -15.28 5.58 7.94
N VAL A 294 -15.06 4.36 7.44
CA VAL A 294 -13.99 3.49 7.92
C VAL A 294 -12.62 4.13 7.83
N LYS A 295 -12.34 4.80 6.70
CA LYS A 295 -11.08 5.56 6.52
C LYS A 295 -10.98 6.72 7.48
N ILE A 296 -12.12 7.34 7.81
CA ILE A 296 -12.17 8.43 8.78
C ILE A 296 -12.00 7.95 10.22
N THR A 297 -12.59 6.82 10.61
CA THR A 297 -12.37 6.25 11.97
C THR A 297 -10.90 5.94 12.23
N ASP A 298 -10.32 5.21 11.29
CA ASP A 298 -8.96 4.66 11.42
C ASP A 298 -7.87 5.73 11.22
N GLY A 299 -8.08 6.66 10.28
CA GLY A 299 -7.23 7.84 10.14
C GLY A 299 -7.34 8.77 11.35
N SER A 300 -6.63 9.90 11.29
CA SER A 300 -6.74 10.94 12.32
C SER A 300 -7.33 12.21 11.67
N PRO A 301 -8.64 12.21 11.42
CA PRO A 301 -9.26 13.19 10.51
C PRO A 301 -9.40 14.58 11.12
N SER A 302 -9.48 15.57 10.24
CA SER A 302 -9.54 16.99 10.63
C SER A 302 -10.97 17.44 10.86
N LYS A 303 -11.09 18.74 11.13
CA LYS A 303 -12.38 19.40 11.18
C LYS A 303 -13.11 19.31 9.83
N GLU A 304 -12.42 19.64 8.73
CA GLU A 304 -13.01 19.70 7.39
C GLU A 304 -13.33 18.32 6.81
N ASP A 305 -12.51 17.32 7.15
CA ASP A 305 -12.72 15.93 6.69
C ASP A 305 -14.11 15.43 7.11
N LEU A 306 -14.34 15.54 8.41
CA LEU A 306 -15.61 15.24 9.04
C LEU A 306 -16.72 16.00 8.36
N LEU A 307 -16.56 17.31 8.23
CA LEU A 307 -17.60 18.16 7.64
C LEU A 307 -17.92 17.85 6.17
N VAL A 308 -16.94 17.39 5.40
CA VAL A 308 -17.20 17.01 4.00
C VAL A 308 -17.92 15.68 3.95
N LEU A 309 -17.57 14.74 4.84
CA LEU A 309 -18.35 13.51 4.98
C LEU A 309 -19.75 13.80 5.47
N ARG A 310 -19.89 14.72 6.44
CA ARG A 310 -21.21 15.08 6.95
C ARG A 310 -22.15 15.53 5.83
N LYS A 311 -21.72 16.51 5.03
CA LYS A 311 -22.55 17.02 3.91
C LYS A 311 -23.02 15.89 2.99
N THR A 312 -22.09 14.97 2.71
CA THR A 312 -22.33 13.78 1.89
C THR A 312 -23.43 12.90 2.48
N VAL A 313 -23.31 12.61 3.78
CA VAL A 313 -24.25 11.75 4.50
C VAL A 313 -25.62 12.41 4.57
N LYS A 314 -25.67 13.71 4.89
CA LYS A 314 -26.97 14.40 4.98
C LYS A 314 -27.67 14.47 3.61
N SER A 315 -26.92 14.72 2.53
CA SER A 315 -27.51 14.68 1.19
C SER A 315 -28.07 13.29 0.87
N PHE A 316 -27.38 12.23 1.31
CA PHE A 316 -27.84 10.84 1.05
C PHE A 316 -29.01 10.35 1.92
N LEU A 317 -29.02 10.73 3.20
CA LEU A 317 -30.18 10.52 4.06
C LEU A 317 -31.42 11.22 3.49
N ALA A 318 -31.22 12.41 2.94
CA ALA A 318 -32.27 13.14 2.24
C ALA A 318 -32.83 12.38 1.03
N VAL A 319 -31.93 11.84 0.20
CA VAL A 319 -32.32 11.06 -0.98
C VAL A 319 -33.13 9.82 -0.56
N CYS A 320 -32.64 9.09 0.43
CA CYS A 320 -33.31 7.89 0.95
C CYS A 320 -34.71 8.20 1.45
N GLN A 321 -34.84 9.30 2.18
CA GLN A 321 -36.14 9.75 2.67
C GLN A 321 -37.07 10.02 1.51
N GLN A 322 -36.62 10.81 0.53
CA GLN A 322 -37.46 11.15 -0.62
C GLN A 322 -37.84 9.88 -1.38
N CYS A 323 -36.90 8.93 -1.45
CA CYS A 323 -37.11 7.65 -2.12
C CYS A 323 -38.15 6.75 -1.43
N LEU A 324 -38.59 7.10 -0.22
CA LEU A 324 -39.75 6.43 0.37
C LEU A 324 -40.98 6.71 -0.46
N SER A 325 -41.08 7.89 -1.05
CA SER A 325 -42.22 8.22 -1.89
C SER A 325 -42.19 7.60 -3.29
N ASN A 326 -41.13 6.87 -3.69
CA ASN A 326 -41.08 6.20 -5.04
C ASN A 326 -42.18 5.15 -5.17
N VAL A 327 -42.83 5.06 -6.34
CA VAL A 327 -43.99 4.15 -6.53
C VAL A 327 -43.64 2.68 -6.32
N ASN A 328 -42.41 2.31 -6.67
CA ASN A 328 -41.99 0.92 -6.65
C ASN A 328 -41.64 0.52 -5.20
N THR A 329 -42.29 -0.52 -4.70
CA THR A 329 -42.07 -0.95 -3.32
C THR A 329 -40.65 -1.52 -3.06
N PRO A 330 -39.97 -2.06 -4.08
CA PRO A 330 -38.57 -2.45 -3.83
C PRO A 330 -37.68 -1.26 -3.42
N VAL A 331 -37.91 -0.12 -4.05
CA VAL A 331 -37.16 1.11 -3.80
C VAL A 331 -37.35 1.48 -2.33
N LYS A 332 -38.63 1.58 -1.94
CA LYS A 332 -39.01 1.92 -0.56
C LYS A 332 -38.32 1.10 0.52
N GLU A 333 -38.30 -0.22 0.29
CA GLU A 333 -37.67 -1.13 1.22
C GLU A 333 -36.15 -0.89 1.30
N GLN A 334 -35.53 -0.64 0.16
CA GLN A 334 -34.12 -0.31 0.13
C GLN A 334 -33.88 1.02 0.86
N ALA A 335 -34.61 2.04 0.41
CA ALA A 335 -34.60 3.33 1.09
C ALA A 335 -34.75 3.13 2.60
N PHE A 336 -35.76 2.35 2.99
CA PHE A 336 -36.01 2.12 4.41
C PHE A 336 -34.83 1.43 5.05
N MET A 337 -34.38 0.33 4.44
CA MET A 337 -33.29 -0.46 5.02
C MET A 337 -32.11 0.42 5.33
N LEU A 338 -31.76 1.27 4.37
CA LEU A 338 -30.59 2.14 4.51
C LEU A 338 -30.81 3.20 5.58
N LEU A 339 -32.03 3.70 5.69
CA LEU A 339 -32.38 4.65 6.75
C LEU A 339 -32.16 4.02 8.15
N CYS A 340 -32.65 2.80 8.33
CA CYS A 340 -32.54 2.12 9.63
C CYS A 340 -31.11 1.65 9.92
N ASP A 341 -30.35 1.32 8.88
CA ASP A 341 -28.89 1.16 9.02
C ASP A 341 -28.21 2.48 9.45
N LEU A 342 -28.39 3.52 8.63
CA LEU A 342 -27.63 4.79 8.76
C LEU A 342 -28.00 5.58 10.01
N LEU A 343 -29.29 5.70 10.30
CA LEU A 343 -29.71 6.36 11.53
C LEU A 343 -29.16 5.65 12.79
N MET A 344 -28.95 4.33 12.69
CA MET A 344 -28.27 3.59 13.75
C MET A 344 -26.74 3.80 13.74
N ILE A 345 -26.16 3.83 12.54
CA ILE A 345 -24.68 4.01 12.37
C ILE A 345 -24.19 5.39 12.81
N PHE A 346 -24.89 6.43 12.35
CA PHE A 346 -24.61 7.83 12.68
C PHE A 346 -25.48 8.35 13.88
N SER A 347 -25.98 7.42 14.70
CA SER A 347 -26.47 7.70 16.06
C SER A 347 -25.30 8.14 16.96
N HIS A 348 -25.59 8.34 18.24
CA HIS A 348 -24.55 8.66 19.22
C HIS A 348 -23.62 7.50 19.58
N GLN A 349 -23.97 6.27 19.19
CA GLN A 349 -23.04 5.13 19.33
C GLN A 349 -21.73 5.36 18.55
N LEU A 350 -21.75 6.25 17.56
CA LEU A 350 -20.53 6.68 16.87
C LEU A 350 -19.51 7.42 17.75
N MET A 351 -19.87 7.76 18.99
CA MET A 351 -18.92 8.29 19.97
C MET A 351 -18.57 7.26 21.05
N THR A 352 -18.80 5.98 20.77
CA THR A 352 -18.31 4.88 21.60
C THR A 352 -16.80 4.67 21.35
N GLY A 353 -16.13 4.02 22.30
CA GLY A 353 -14.69 3.73 22.21
C GLY A 353 -13.82 4.96 21.98
N GLY A 354 -13.80 5.86 22.96
CA GLY A 354 -12.98 7.08 22.94
C GLY A 354 -12.98 7.89 21.66
N ARG A 355 -14.01 7.74 20.81
CA ARG A 355 -14.06 8.36 19.48
C ARG A 355 -14.90 9.66 19.47
N GLU A 356 -14.80 10.48 20.53
CA GLU A 356 -15.58 11.75 20.61
C GLU A 356 -15.17 12.85 19.63
N GLY A 357 -14.14 12.60 18.83
CA GLY A 357 -13.85 13.41 17.66
C GLY A 357 -14.97 13.40 16.64
N LEU A 358 -15.74 12.31 16.62
CA LEU A 358 -16.77 12.10 15.61
C LEU A 358 -18.12 12.76 15.88
N GLN A 359 -18.25 13.58 16.93
CA GLN A 359 -19.50 14.29 17.23
C GLN A 359 -20.16 14.94 16.01
N PRO A 360 -19.39 15.63 15.15
CA PRO A 360 -20.07 16.31 14.04
C PRO A 360 -20.68 15.39 12.98
N LEU A 361 -20.29 14.11 12.99
CA LEU A 361 -20.87 13.11 12.12
C LEU A 361 -22.18 12.52 12.64
N VAL A 362 -22.61 12.87 13.86
CA VAL A 362 -23.85 12.31 14.48
C VAL A 362 -25.10 12.97 13.88
N PHE A 363 -26.16 12.18 13.74
CA PHE A 363 -27.43 12.64 13.16
C PHE A 363 -28.59 12.21 14.03
N ASN A 364 -29.52 13.11 14.27
CA ASN A 364 -30.80 12.75 14.85
C ASN A 364 -31.88 13.03 13.82
N PRO A 365 -32.72 12.04 13.53
CA PRO A 365 -33.71 12.17 12.47
C PRO A 365 -34.87 13.06 12.90
N ASP A 366 -35.40 13.87 11.99
CA ASP A 366 -36.44 14.84 12.34
C ASP A 366 -37.82 14.17 12.50
N THR A 367 -38.79 14.94 13.00
CA THR A 367 -40.15 14.46 13.26
C THR A 367 -40.76 13.94 11.96
N GLY A 368 -40.80 14.82 10.95
CA GLY A 368 -41.31 14.50 9.62
C GLY A 368 -40.79 13.19 9.05
N LEU A 369 -39.49 12.97 9.23
CA LEU A 369 -38.82 11.72 8.81
C LEU A 369 -39.34 10.56 9.63
N GLN A 370 -39.25 10.67 10.97
CA GLN A 370 -39.72 9.62 11.87
C GLN A 370 -41.15 9.20 11.54
N SER A 371 -42.00 10.15 11.18
CA SER A 371 -43.38 9.85 10.80
C SER A 371 -43.47 9.00 9.52
N GLU A 372 -42.54 9.18 8.59
CA GLU A 372 -42.47 8.31 7.41
C GLU A 372 -41.87 6.94 7.72
N LEU A 373 -40.91 6.89 8.65
CA LEU A 373 -40.36 5.62 9.14
C LEU A 373 -41.36 4.82 9.96
N LEU A 374 -42.37 5.50 10.51
CA LEU A 374 -43.54 4.84 11.09
C LEU A 374 -44.48 4.42 9.96
N SER A 375 -44.76 5.33 9.01
CA SER A 375 -45.68 5.06 7.89
C SER A 375 -45.38 3.75 7.16
N PHE A 376 -44.16 3.64 6.68
CA PHE A 376 -43.69 2.45 5.96
C PHE A 376 -44.01 1.14 6.72
N VAL A 377 -43.89 1.16 8.05
CA VAL A 377 -44.12 -0.04 8.84
C VAL A 377 -45.60 -0.41 8.72
N MET A 378 -46.49 0.57 8.88
CA MET A 378 -47.97 0.34 8.75
C MET A 378 -48.38 -0.12 7.34
N ASP A 379 -47.67 0.45 6.37
CA ASP A 379 -47.91 0.20 4.96
C ASP A 379 -47.24 -1.07 4.42
N HIS A 380 -46.03 -1.39 4.88
CA HIS A 380 -45.17 -2.37 4.19
C HIS A 380 -44.54 -3.49 5.02
N VAL A 381 -44.57 -3.39 6.36
CA VAL A 381 -44.32 -4.55 7.22
C VAL A 381 -45.66 -5.28 7.46
N PHE A 382 -46.67 -4.51 7.86
CA PHE A 382 -47.97 -5.02 8.32
C PHE A 382 -49.05 -4.91 7.22
N ILE A 383 -49.11 -6.00 6.45
CA ILE A 383 -49.81 -6.06 5.18
C ILE A 383 -50.76 -7.24 5.14
N ASP A 384 -51.76 -7.17 4.26
CA ASP A 384 -52.96 -8.02 4.31
C ASP A 384 -52.76 -9.46 3.77
N GLN A 385 -52.39 -9.60 2.50
CA GLN A 385 -52.24 -10.92 1.85
C GLN A 385 -51.22 -10.93 0.71
N GLU A 399 -45.70 -20.09 -4.17
CA GLU A 399 -45.53 -20.41 -2.75
C GLU A 399 -44.23 -19.85 -2.20
N ALA A 400 -43.11 -20.42 -2.65
CA ALA A 400 -41.79 -20.22 -2.04
C ALA A 400 -41.44 -18.75 -1.81
N ASN A 401 -41.95 -17.89 -2.70
CA ASN A 401 -41.80 -16.41 -2.62
C ASN A 401 -42.30 -15.76 -1.31
N LYS A 402 -43.30 -16.37 -0.65
CA LYS A 402 -43.93 -15.73 0.51
C LYS A 402 -43.21 -16.04 1.82
N ILE A 403 -42.70 -17.27 2.00
CA ILE A 403 -41.81 -17.55 3.15
C ILE A 403 -40.56 -16.67 3.10
N GLU A 404 -40.11 -16.34 1.89
CA GLU A 404 -38.97 -15.44 1.65
C GLU A 404 -39.35 -13.97 1.85
N ALA A 405 -40.39 -13.52 1.18
CA ALA A 405 -40.88 -12.16 1.36
C ALA A 405 -41.21 -11.81 2.84
N LEU A 406 -41.72 -12.77 3.61
CA LEU A 406 -41.96 -12.59 5.06
C LEU A 406 -40.69 -12.33 5.88
N HIS A 407 -39.65 -13.15 5.71
CA HIS A 407 -38.40 -12.97 6.45
C HIS A 407 -37.78 -11.58 6.19
N LYS A 408 -38.02 -11.01 5.01
CA LYS A 408 -37.58 -9.64 4.68
C LYS A 408 -38.32 -8.58 5.49
N ARG A 409 -39.64 -8.64 5.47
CA ARG A 409 -40.47 -7.74 6.27
C ARG A 409 -40.16 -7.93 7.73
N ARG A 410 -39.82 -9.17 8.13
CA ARG A 410 -39.30 -9.40 9.46
C ARG A 410 -38.04 -8.56 9.65
N ASN A 411 -37.09 -8.66 8.73
CA ASN A 411 -35.82 -7.92 8.87
C ASN A 411 -36.04 -6.41 8.91
N LEU A 412 -36.83 -5.90 7.96
CA LEU A 412 -37.24 -4.49 7.97
C LEU A 412 -37.75 -4.02 9.33
N LEU A 413 -38.54 -4.87 9.99
CA LEU A 413 -39.04 -4.53 11.30
C LEU A 413 -37.93 -4.61 12.34
N ALA A 414 -37.14 -5.68 12.30
CA ALA A 414 -36.08 -5.88 13.28
C ALA A 414 -35.07 -4.76 13.17
N ALA A 415 -34.88 -4.26 11.95
CA ALA A 415 -34.01 -3.12 11.71
C ALA A 415 -34.59 -1.83 12.26
N PHE A 416 -35.91 -1.67 12.09
CA PHE A 416 -36.64 -0.54 12.68
C PHE A 416 -36.67 -0.64 14.20
N SER A 417 -36.76 -1.86 14.71
CA SER A 417 -36.86 -2.10 16.16
C SER A 417 -35.66 -1.58 16.92
N LYS A 418 -34.49 -1.70 16.30
CA LYS A 418 -33.25 -1.14 16.85
C LYS A 418 -33.35 0.38 17.07
N LEU A 419 -33.98 1.10 16.15
CA LEU A 419 -34.18 2.54 16.31
C LEU A 419 -35.07 2.88 17.49
N ILE A 420 -36.10 2.06 17.67
CA ILE A 420 -37.07 2.23 18.76
C ILE A 420 -36.43 2.00 20.12
N ILE A 421 -35.66 0.92 20.28
CA ILE A 421 -34.99 0.63 21.57
C ILE A 421 -34.16 1.85 22.07
N TYR A 422 -33.37 2.48 21.20
CA TYR A 422 -32.53 3.62 21.62
C TYR A 422 -33.14 5.01 21.35
N ASP A 423 -34.47 5.02 21.14
CA ASP A 423 -35.27 6.24 21.11
C ASP A 423 -34.81 7.20 20.00
N ILE A 424 -34.52 6.63 18.84
CA ILE A 424 -34.14 7.40 17.68
C ILE A 424 -35.39 7.79 16.86
N VAL A 425 -36.40 6.93 16.83
CA VAL A 425 -37.79 7.34 16.51
C VAL A 425 -38.56 7.52 17.83
N ASP A 426 -39.83 7.93 17.74
CA ASP A 426 -40.70 8.00 18.92
C ASP A 426 -41.06 6.56 19.34
N MET A 427 -40.57 6.10 20.51
CA MET A 427 -40.85 4.72 20.96
C MET A 427 -42.35 4.48 21.24
N HIS A 428 -43.08 5.54 21.62
CA HIS A 428 -44.50 5.44 22.02
C HIS A 428 -45.45 5.35 20.80
N ALA A 429 -45.20 6.15 19.76
CA ALA A 429 -45.96 6.01 18.48
C ALA A 429 -45.76 4.66 17.84
N ALA A 430 -44.54 4.13 17.95
CA ALA A 430 -44.24 2.79 17.49
C ALA A 430 -45.09 1.78 18.20
N ALA A 431 -44.97 1.70 19.53
CA ALA A 431 -45.71 0.69 20.32
C ALA A 431 -47.24 0.81 20.20
N ASP A 432 -47.73 2.02 19.89
CA ASP A 432 -49.14 2.25 19.52
C ASP A 432 -49.51 1.54 18.22
N ILE A 433 -48.61 1.54 17.25
CA ILE A 433 -48.78 0.75 16.03
C ILE A 433 -48.68 -0.74 16.31
N PHE A 434 -47.78 -1.14 17.22
CA PHE A 434 -47.70 -2.56 17.63
C PHE A 434 -48.96 -2.98 18.40
N LYS A 435 -49.51 -2.05 19.18
CA LYS A 435 -50.79 -2.27 19.84
C LYS A 435 -51.86 -2.56 18.77
N HIS A 436 -52.11 -1.59 17.87
CA HIS A 436 -53.14 -1.65 16.82
C HIS A 436 -53.16 -2.97 16.01
N TYR A 437 -51.98 -3.51 15.75
CA TYR A 437 -51.85 -4.72 14.93
C TYR A 437 -51.87 -6.02 15.79
N MET A 438 -51.38 -5.98 17.03
CA MET A 438 -51.52 -7.12 17.98
C MET A 438 -52.89 -7.18 18.70
N LYS A 439 -53.85 -6.36 18.29
CA LYS A 439 -55.16 -6.28 18.94
C LYS A 439 -55.79 -7.64 19.12
N TYR A 440 -55.89 -8.40 18.05
CA TYR A 440 -56.58 -9.69 18.10
C TYR A 440 -55.85 -10.75 18.95
N TYR A 441 -54.54 -10.65 19.14
CA TYR A 441 -53.87 -11.50 20.12
C TYR A 441 -54.27 -11.09 21.55
N ASN A 442 -54.43 -9.79 21.80
CA ASN A 442 -54.81 -9.29 23.13
C ASN A 442 -56.32 -9.34 23.46
N ASP A 443 -57.16 -9.44 22.43
CA ASP A 443 -58.62 -9.48 22.62
C ASP A 443 -59.17 -10.92 22.66
N TYR A 444 -58.53 -11.86 21.99
CA TYR A 444 -59.09 -13.20 21.78
C TYR A 444 -58.03 -14.32 21.84
N GLY A 445 -56.94 -14.10 22.57
CA GLY A 445 -55.76 -14.97 22.44
C GLY A 445 -55.86 -16.20 23.30
N ASP A 446 -55.97 -15.95 24.60
CA ASP A 446 -56.30 -16.98 25.58
C ASP A 446 -57.37 -17.96 25.07
N ILE A 447 -58.44 -17.42 24.50
CA ILE A 447 -59.57 -18.22 24.01
C ILE A 447 -59.12 -19.12 22.85
N ILE A 448 -58.42 -18.53 21.89
CA ILE A 448 -57.89 -19.28 20.76
C ILE A 448 -56.82 -20.28 21.21
N LYS A 449 -56.08 -19.95 22.27
CA LYS A 449 -55.02 -20.83 22.80
C LYS A 449 -55.60 -22.11 23.38
N GLU A 450 -56.50 -21.98 24.37
CA GLU A 450 -57.08 -23.13 25.07
C GLU A 450 -58.00 -23.97 24.18
N THR A 451 -58.64 -23.32 23.19
CA THR A 451 -59.43 -24.05 22.18
C THR A 451 -58.53 -25.02 21.43
N LEU A 452 -57.45 -24.48 20.86
CA LEU A 452 -56.47 -25.27 20.09
C LEU A 452 -55.78 -26.33 20.96
N SER A 453 -55.65 -26.08 22.26
CA SER A 453 -55.10 -27.07 23.20
C SER A 453 -56.02 -28.27 23.54
N LYS A 454 -57.22 -28.35 22.95
CA LYS A 454 -58.10 -29.50 23.15
C LYS A 454 -58.66 -30.01 21.82
N THR A 455 -57.81 -30.40 20.87
CA THR A 455 -58.28 -30.95 19.59
C THR A 455 -57.31 -31.97 18.99
N PRO B 4 -2.54 14.06 29.31
CA PRO B 4 -2.12 14.32 30.71
C PRO B 4 -0.87 15.22 30.81
N ASN B 5 0.13 14.91 29.99
CA ASN B 5 1.41 15.63 29.98
C ASN B 5 1.45 16.73 28.92
N GLY B 6 0.34 16.94 28.21
CA GLY B 6 0.29 17.86 27.07
C GLY B 6 0.76 19.28 27.31
N ASN B 7 0.53 19.78 28.52
CA ASN B 7 1.09 21.09 28.95
C ASN B 7 2.63 21.03 29.03
N LEU B 8 3.11 20.13 29.90
CA LEU B 8 4.53 20.01 30.26
C LEU B 8 5.41 19.99 29.02
N ILE B 9 4.98 19.20 28.03
CA ILE B 9 5.68 19.07 26.74
C ILE B 9 5.63 20.37 25.92
N ARG B 10 4.49 21.07 25.92
CA ARG B 10 4.42 22.33 25.16
C ARG B 10 5.35 23.36 25.75
N MET B 11 5.55 23.29 27.08
CA MET B 11 6.49 24.18 27.77
C MET B 11 7.95 23.72 27.68
N LEU B 12 8.16 22.40 27.58
CA LEU B 12 9.49 21.91 27.23
C LEU B 12 9.91 22.58 25.95
N VAL B 13 9.03 22.50 24.94
CA VAL B 13 9.28 23.13 23.64
C VAL B 13 9.72 24.59 23.81
N LEU B 14 8.98 25.36 24.63
CA LEU B 14 9.29 26.79 24.86
C LEU B 14 10.64 26.98 25.53
N PHE B 15 10.78 26.39 26.71
CA PHE B 15 12.03 26.43 27.47
C PHE B 15 13.25 26.10 26.60
N PHE B 16 13.05 25.23 25.59
CA PHE B 16 14.08 24.91 24.60
C PHE B 16 14.42 26.08 23.66
N LEU B 17 13.46 26.53 22.85
CA LEU B 17 13.84 27.45 21.76
C LEU B 17 13.96 28.95 22.13
N GLU B 18 13.34 29.38 23.23
CA GLU B 18 13.62 30.71 23.78
C GLU B 18 14.86 30.76 24.65
N SER B 19 15.43 29.61 25.00
CA SER B 19 16.82 29.57 25.48
C SER B 19 17.77 30.06 24.40
N GLU B 20 17.37 29.92 23.14
CA GLU B 20 18.14 30.38 21.97
C GLU B 20 19.46 29.58 21.82
N LEU B 21 19.43 28.31 22.25
CA LEU B 21 20.50 27.35 22.00
C LEU B 21 19.88 26.26 21.12
N HIS B 22 19.55 26.64 19.89
CA HIS B 22 18.95 25.71 18.90
C HIS B 22 19.90 24.57 18.47
N GLU B 23 21.17 24.68 18.84
CA GLU B 23 22.16 23.62 18.65
C GLU B 23 22.19 22.59 19.80
N HIS B 24 21.38 22.78 20.85
CA HIS B 24 21.49 21.97 22.09
C HIS B 24 20.41 20.87 22.27
N ALA B 25 19.63 20.54 21.23
CA ALA B 25 18.41 19.69 21.40
C ALA B 25 18.67 18.39 22.18
N ALA B 26 19.63 17.60 21.76
CA ALA B 26 19.96 16.38 22.48
C ALA B 26 20.72 16.66 23.78
N TYR B 27 21.41 17.80 23.84
CA TYR B 27 22.07 18.25 25.08
C TYR B 27 21.03 18.54 26.18
N LEU B 28 19.89 19.12 25.78
CA LEU B 28 18.75 19.34 26.68
C LEU B 28 18.15 18.00 27.12
N VAL B 29 17.77 17.18 26.14
CA VAL B 29 17.18 15.87 26.40
C VAL B 29 18.05 15.00 27.31
N ASP B 30 19.37 15.02 27.12
CA ASP B 30 20.27 14.21 27.96
C ASP B 30 20.36 14.75 29.38
N SER B 31 20.57 16.05 29.52
CA SER B 31 20.71 16.65 30.85
C SER B 31 19.42 16.62 31.67
N LEU B 32 18.27 16.33 31.03
CA LEU B 32 16.98 16.06 31.71
C LEU B 32 16.61 14.59 31.90
N TRP B 33 17.39 13.67 31.33
CA TRP B 33 17.02 12.25 31.24
C TRP B 33 16.97 11.51 32.61
N GLU B 34 17.91 11.77 33.51
CA GLU B 34 17.89 11.11 34.84
C GLU B 34 16.60 11.37 35.61
N SER B 35 16.09 12.61 35.55
CA SER B 35 14.85 13.01 36.26
C SER B 35 13.57 12.77 35.46
N SER B 36 13.58 13.07 34.17
CA SER B 36 12.31 13.18 33.43
C SER B 36 12.13 12.26 32.21
N GLN B 37 12.67 11.03 32.26
CA GLN B 37 12.56 10.12 31.11
C GLN B 37 11.16 9.58 30.88
N GLU B 38 10.46 9.18 31.93
CA GLU B 38 9.03 8.81 31.84
C GLU B 38 8.19 9.88 31.05
N LEU B 39 8.50 11.16 31.21
CA LEU B 39 7.80 12.26 30.50
C LEU B 39 8.27 12.31 29.08
N LEU B 40 9.58 12.27 28.94
CA LEU B 40 10.26 12.39 27.66
C LEU B 40 10.00 11.17 26.73
N LYS B 41 9.58 10.03 27.29
CA LYS B 41 9.15 8.85 26.49
C LYS B 41 7.64 8.72 26.25
N ASP B 42 6.83 9.67 26.74
CA ASP B 42 5.42 9.74 26.36
C ASP B 42 5.36 10.22 24.90
N TRP B 43 5.66 9.30 23.98
CA TRP B 43 5.71 9.58 22.54
C TRP B 43 4.28 9.85 22.01
N GLU B 44 3.33 9.07 22.52
CA GLU B 44 1.90 9.21 22.21
C GLU B 44 1.40 10.63 22.39
N CYS B 45 1.78 11.23 23.52
CA CYS B 45 1.45 12.61 23.81
C CYS B 45 1.98 13.55 22.73
N MET B 46 3.25 13.34 22.34
CA MET B 46 3.93 14.20 21.34
C MET B 46 3.36 14.06 19.92
N THR B 47 2.96 12.83 19.56
CA THR B 47 2.34 12.58 18.26
C THR B 47 0.98 13.25 18.25
N GLU B 48 0.22 13.02 19.32
CA GLU B 48 -1.03 13.73 19.59
C GLU B 48 -0.84 15.24 19.42
N LEU B 49 0.13 15.82 20.12
CA LEU B 49 0.40 17.26 20.01
C LEU B 49 0.60 17.71 18.57
N LEU B 50 1.30 16.90 17.78
CA LEU B 50 1.63 17.24 16.39
C LEU B 50 0.49 16.95 15.42
N LEU B 51 -0.21 15.84 15.63
CA LEU B 51 -1.21 15.38 14.68
C LEU B 51 -2.53 16.19 14.69
N GLU B 52 -3.01 16.59 15.88
CA GLU B 52 -4.41 17.02 16.07
C GLU B 52 -4.57 18.50 16.42
N GLU B 53 -5.81 18.91 16.74
CA GLU B 53 -6.10 20.16 17.45
C GLU B 53 -6.95 19.85 18.69
N ALA B 60 -2.85 26.62 19.62
CA ALA B 60 -2.33 26.86 18.27
C ALA B 60 -0.79 26.89 18.24
N MET B 61 -0.17 25.72 18.03
CA MET B 61 1.31 25.59 18.02
C MET B 61 1.94 26.37 16.87
N SER B 62 2.92 27.22 17.16
CA SER B 62 3.59 28.00 16.11
C SER B 62 4.39 27.08 15.16
N ASP B 63 4.85 27.65 14.05
CA ASP B 63 5.54 26.88 13.03
C ASP B 63 6.85 26.38 13.59
N ARG B 64 7.67 27.33 14.04
CA ARG B 64 8.96 27.02 14.66
C ARG B 64 8.84 26.12 15.92
N GLN B 65 7.69 26.15 16.60
CA GLN B 65 7.42 25.25 17.76
C GLN B 65 7.20 23.80 17.35
N GLU B 66 6.65 23.58 16.16
CA GLU B 66 6.39 22.23 15.66
C GLU B 66 7.71 21.57 15.28
N SER B 67 8.44 22.22 14.38
CA SER B 67 9.82 21.83 14.11
C SER B 67 10.53 21.49 15.42
N ALA B 68 10.54 22.44 16.35
CA ALA B 68 11.27 22.26 17.61
C ALA B 68 10.78 21.08 18.47
N LEU B 69 9.49 20.76 18.38
CA LEU B 69 8.94 19.55 19.01
C LEU B 69 9.42 18.30 18.28
N ILE B 70 9.24 18.27 16.95
CA ILE B 70 9.69 17.16 16.12
C ILE B 70 11.12 16.75 16.46
N GLU B 71 12.03 17.73 16.49
CA GLU B 71 13.43 17.47 16.83
C GLU B 71 13.61 16.90 18.24
N LEU B 72 12.87 17.42 19.21
CA LEU B 72 12.95 16.92 20.61
C LEU B 72 12.42 15.50 20.75
N MET B 73 11.43 15.19 19.92
CA MET B 73 10.87 13.85 19.83
C MET B 73 11.93 12.89 19.34
N VAL B 74 12.48 13.18 18.16
CA VAL B 74 13.57 12.39 17.56
C VAL B 74 14.77 12.16 18.52
N CYS B 75 15.16 13.19 19.28
CA CYS B 75 16.27 13.10 20.23
C CYS B 75 15.98 12.15 21.38
N THR B 76 14.72 12.05 21.75
CA THR B 76 14.27 11.12 22.80
C THR B 76 14.31 9.69 22.32
N ILE B 77 13.66 9.49 21.17
CA ILE B 77 13.68 8.22 20.47
C ILE B 77 15.07 7.59 20.57
N ARG B 78 16.09 8.35 20.13
CA ARG B 78 17.49 7.90 20.21
C ARG B 78 17.87 7.54 21.65
N GLN B 79 17.88 8.52 22.55
CA GLN B 79 18.39 8.32 23.90
C GLN B 79 17.79 7.02 24.48
N ALA B 80 16.50 6.83 24.22
CA ALA B 80 15.80 5.63 24.64
C ALA B 80 16.43 4.41 24.00
N ALA B 81 16.43 4.38 22.67
CA ALA B 81 16.93 3.25 21.87
C ALA B 81 18.40 2.84 22.22
N GLU B 82 19.32 3.79 22.08
CA GLU B 82 20.74 3.54 22.33
C GLU B 82 21.14 3.44 23.80
N ALA B 83 20.40 4.10 24.69
CA ALA B 83 20.61 4.01 26.15
C ALA B 83 22.01 4.46 26.58
N HIS B 84 22.43 5.60 26.03
CA HIS B 84 23.65 6.32 26.44
C HIS B 84 23.57 7.76 25.91
N PRO B 85 24.29 8.71 26.54
CA PRO B 85 24.39 10.11 26.08
C PRO B 85 24.73 10.31 24.59
N PRO B 86 24.40 11.47 24.01
CA PRO B 86 24.64 11.71 22.58
C PRO B 86 26.10 12.05 22.25
N VAL B 87 26.37 12.30 20.96
CA VAL B 87 27.70 12.74 20.50
C VAL B 87 28.25 13.91 21.34
N GLY B 88 29.22 13.58 22.20
CA GLY B 88 29.97 14.56 23.00
C GLY B 88 29.60 14.62 24.48
N ARG B 89 29.36 13.46 25.10
CA ARG B 89 29.04 13.40 26.54
C ARG B 89 29.61 12.15 27.28
N GLY B 90 29.70 10.99 26.63
CA GLY B 90 30.13 9.74 27.29
C GLY B 90 31.61 9.67 27.64
N VAL B 95 28.19 0.77 31.02
CA VAL B 95 28.12 -0.39 31.91
C VAL B 95 26.68 -0.59 32.46
N LEU B 96 25.83 -1.20 31.62
CA LEU B 96 24.37 -1.37 31.85
C LEU B 96 24.04 -2.34 33.01
N THR B 97 23.04 -1.97 33.82
CA THR B 97 22.69 -2.70 35.06
C THR B 97 21.97 -4.05 34.88
N ALA B 98 21.59 -4.43 33.65
CA ALA B 98 20.62 -5.53 33.40
C ALA B 98 19.19 -5.07 33.70
N LYS B 99 19.02 -4.17 34.69
CA LYS B 99 17.81 -3.35 34.84
C LYS B 99 17.71 -2.26 33.77
N GLU B 100 18.83 -1.62 33.45
CA GLU B 100 18.84 -0.60 32.41
C GLU B 100 18.79 -1.25 31.03
N ARG B 101 19.63 -2.28 30.87
CA ARG B 101 19.61 -3.18 29.71
C ARG B 101 18.19 -3.77 29.47
N LYS B 102 17.44 -4.00 30.55
CA LYS B 102 16.03 -4.34 30.46
C LYS B 102 15.25 -3.15 29.88
N THR B 103 15.08 -2.06 30.63
CA THR B 103 14.20 -0.92 30.21
C THR B 103 14.46 -0.45 28.78
N GLN B 104 15.71 -0.50 28.34
CA GLN B 104 16.10 -0.26 26.93
C GLN B 104 15.31 -1.11 25.91
N ILE B 105 15.19 -2.40 26.21
CA ILE B 105 14.52 -3.38 25.33
C ILE B 105 13.03 -3.01 25.22
N ASP B 106 12.43 -2.77 26.39
CA ASP B 106 11.02 -2.35 26.53
C ASP B 106 10.72 -1.09 25.69
N ASP B 107 11.64 -0.12 25.75
CA ASP B 107 11.52 1.17 25.05
C ASP B 107 11.51 0.97 23.54
N ARG B 108 12.56 0.28 23.07
CA ARG B 108 12.70 -0.05 21.65
C ARG B 108 11.37 -0.56 21.10
N ASN B 109 10.79 -1.54 21.81
CA ASN B 109 9.53 -2.15 21.40
C ASN B 109 8.43 -1.11 21.35
N LYS B 110 8.24 -0.43 22.48
CA LYS B 110 7.23 0.63 22.63
C LYS B 110 7.29 1.63 21.49
N LEU B 111 8.49 2.17 21.26
CA LEU B 111 8.67 3.25 20.28
C LEU B 111 8.41 2.76 18.88
N THR B 112 8.87 1.54 18.60
CA THR B 112 8.64 0.89 17.32
C THR B 112 7.14 0.73 17.11
N GLU B 113 6.50 0.08 18.09
CA GLU B 113 5.06 -0.19 18.05
C GLU B 113 4.34 1.10 17.76
N HIS B 114 4.67 2.16 18.51
CA HIS B 114 3.99 3.44 18.32
C HIS B 114 4.27 4.03 16.94
N PHE B 115 5.55 4.23 16.63
CA PHE B 115 5.92 5.09 15.49
C PHE B 115 5.66 4.46 14.14
N ILE B 116 5.79 3.14 14.04
CA ILE B 116 5.35 2.41 12.84
C ILE B 116 3.99 2.92 12.36
N ILE B 117 3.08 3.14 13.31
CA ILE B 117 1.71 3.52 13.02
C ILE B 117 1.60 5.01 12.68
N THR B 118 2.18 5.83 13.56
CA THR B 118 1.99 7.28 13.55
C THR B 118 2.93 8.06 12.61
N LEU B 119 4.13 7.50 12.37
CA LEU B 119 5.15 8.15 11.51
C LEU B 119 4.67 8.33 10.08
N PRO B 120 4.05 7.28 9.50
CA PRO B 120 3.43 7.52 8.21
C PRO B 120 2.49 8.76 8.18
N MET B 121 1.77 9.00 9.29
CA MET B 121 0.88 10.15 9.41
C MET B 121 1.67 11.45 9.57
N LEU B 122 2.61 11.45 10.53
CA LEU B 122 3.50 12.60 10.76
C LEU B 122 4.11 13.12 9.47
N LEU B 123 4.63 12.19 8.67
CA LEU B 123 5.16 12.47 7.33
C LEU B 123 4.07 13.00 6.43
N SER B 124 2.89 12.36 6.48
CA SER B 124 1.73 12.79 5.70
C SER B 124 1.32 14.22 6.04
N LYS B 125 1.50 14.60 7.31
CA LYS B 125 1.21 15.97 7.77
C LYS B 125 2.17 16.98 7.15
N TYR B 126 3.43 16.94 7.55
CA TYR B 126 4.38 18.00 7.21
C TYR B 126 5.16 17.74 5.90
N SER B 127 4.54 17.05 4.94
CA SER B 127 5.28 16.52 3.80
C SER B 127 5.87 17.62 2.89
N ALA B 128 5.26 18.81 2.90
CA ALA B 128 5.81 19.96 2.15
C ALA B 128 7.00 20.67 2.85
N ASP B 129 7.23 20.41 4.13
CA ASP B 129 8.32 21.03 4.87
C ASP B 129 9.59 20.19 4.74
N ALA B 130 10.62 20.77 4.13
CA ALA B 130 11.89 20.12 3.92
C ALA B 130 12.46 19.61 5.23
N GLU B 131 12.88 20.53 6.10
CA GLU B 131 13.66 20.17 7.29
C GLU B 131 12.89 19.40 8.38
N LYS B 132 11.56 19.37 8.29
CA LYS B 132 10.74 18.55 9.21
C LYS B 132 10.72 17.10 8.75
N VAL B 133 10.52 16.91 7.45
CA VAL B 133 10.53 15.58 6.84
C VAL B 133 11.87 14.90 7.09
N ALA B 134 12.95 15.58 6.69
CA ALA B 134 14.33 15.15 6.97
C ALA B 134 14.42 14.58 8.38
N ASN B 135 13.99 15.40 9.33
CA ASN B 135 14.11 15.10 10.75
C ASN B 135 13.20 13.92 11.18
N LEU B 136 12.04 13.82 10.56
CA LEU B 136 11.17 12.67 10.79
C LEU B 136 11.81 11.38 10.31
N LEU B 137 12.39 11.44 9.11
CA LEU B 137 12.96 10.26 8.48
C LEU B 137 14.20 9.73 9.22
N GLN B 138 14.71 10.47 10.21
CA GLN B 138 15.73 9.95 11.14
C GLN B 138 15.22 8.86 12.09
N ILE B 139 13.92 8.59 12.07
CA ILE B 139 13.29 7.67 13.04
C ILE B 139 13.49 6.16 12.76
N PRO B 140 13.17 5.69 11.52
CA PRO B 140 13.22 4.25 11.21
C PRO B 140 14.47 3.44 11.63
N GLN B 141 15.64 4.08 11.61
CA GLN B 141 16.89 3.46 12.07
C GLN B 141 16.89 2.95 13.51
N TYR B 142 15.94 3.42 14.32
CA TYR B 142 15.85 3.03 15.74
C TYR B 142 14.91 1.85 15.99
N PHE B 143 13.98 1.63 15.05
CA PHE B 143 13.11 0.45 15.04
C PHE B 143 13.86 -0.88 15.31
N ASP B 144 13.25 -1.76 16.10
CA ASP B 144 13.47 -3.19 15.95
C ASP B 144 12.57 -3.63 14.80
N LEU B 145 13.15 -3.79 13.61
CA LEU B 145 12.34 -3.97 12.38
C LEU B 145 11.55 -5.29 12.35
N GLU B 146 11.91 -6.23 13.24
CA GLU B 146 11.17 -7.47 13.45
C GLU B 146 9.69 -7.23 13.65
N ILE B 147 9.38 -6.29 14.54
CA ILE B 147 8.01 -5.88 14.93
C ILE B 147 7.09 -5.44 13.75
N TYR B 148 7.64 -5.29 12.54
CA TYR B 148 6.82 -5.23 11.32
C TYR B 148 6.25 -6.60 11.03
N SER B 149 7.11 -7.62 11.10
CA SER B 149 6.75 -9.05 10.91
C SER B 149 6.10 -9.63 12.15
N THR B 150 6.91 -9.82 13.20
CA THR B 150 6.50 -10.60 14.40
C THR B 150 5.35 -9.98 15.22
N GLY B 151 4.86 -8.81 14.80
CA GLY B 151 3.58 -8.26 15.27
C GLY B 151 2.59 -7.84 14.18
N ARG B 152 2.69 -8.44 13.00
CA ARG B 152 1.81 -8.14 11.84
C ARG B 152 1.37 -6.67 11.75
N MET B 153 2.32 -5.82 11.34
CA MET B 153 2.08 -4.39 11.08
C MET B 153 2.45 -4.06 9.64
N GLU B 154 2.07 -4.96 8.72
CA GLU B 154 2.36 -4.80 7.30
C GLU B 154 1.43 -3.75 6.68
N LYS B 155 0.21 -3.62 7.20
CA LYS B 155 -0.66 -2.50 6.86
C LYS B 155 0.17 -1.20 6.85
N HIS B 156 0.96 -0.98 7.90
CA HIS B 156 1.64 0.32 8.16
C HIS B 156 2.97 0.53 7.43
N LEU B 157 3.68 -0.55 7.09
CA LEU B 157 4.85 -0.46 6.24
C LEU B 157 4.48 -0.03 4.82
N ASP B 158 3.39 -0.58 4.29
CA ASP B 158 2.84 -0.15 3.00
C ASP B 158 2.37 1.33 3.01
N ALA B 159 2.02 1.84 4.19
CA ALA B 159 1.67 3.26 4.41
C ALA B 159 2.87 4.21 4.45
N LEU B 160 3.95 3.77 5.10
CA LEU B 160 5.22 4.49 5.13
C LEU B 160 5.81 4.70 3.74
N LEU B 161 5.90 3.60 2.99
CA LEU B 161 6.51 3.56 1.66
C LEU B 161 5.69 4.35 0.63
N LYS B 162 4.37 4.20 0.71
CA LYS B 162 3.46 5.02 -0.08
C LYS B 162 3.72 6.52 0.15
N GLN B 163 4.08 6.88 1.38
CA GLN B 163 4.35 8.28 1.79
C GLN B 163 5.70 8.84 1.38
N ILE B 164 6.75 8.02 1.53
CA ILE B 164 8.09 8.38 1.06
C ILE B 164 8.02 8.74 -0.43
N LYS B 165 7.33 7.91 -1.22
CA LYS B 165 7.07 8.17 -2.64
C LYS B 165 6.54 9.59 -2.86
N PHE B 166 5.48 9.97 -2.14
CA PHE B 166 4.88 11.32 -2.27
C PHE B 166 5.88 12.44 -1.90
N VAL B 167 6.70 12.21 -0.87
CA VAL B 167 7.73 13.17 -0.38
C VAL B 167 8.78 13.48 -1.43
N VAL B 168 9.39 12.41 -1.91
CA VAL B 168 10.57 12.48 -2.76
C VAL B 168 10.26 12.92 -4.21
N GLU B 169 9.06 12.57 -4.71
CA GLU B 169 8.52 13.16 -5.96
C GLU B 169 8.46 14.67 -5.88
N LYS B 170 8.05 15.16 -4.71
CA LYS B 170 7.81 16.57 -4.47
C LYS B 170 9.07 17.37 -4.17
N HIS B 171 10.04 16.75 -3.51
CA HIS B 171 11.18 17.48 -2.97
C HIS B 171 12.46 17.41 -3.82
N VAL B 172 13.19 18.53 -3.88
CA VAL B 172 14.45 18.65 -4.60
C VAL B 172 15.63 18.83 -3.62
N GLU B 173 15.36 19.25 -2.38
CA GLU B 173 16.43 19.67 -1.47
C GLU B 173 17.20 18.43 -0.95
N SER B 174 18.52 18.47 -1.10
CA SER B 174 19.38 17.31 -0.90
C SER B 174 19.24 16.57 0.43
N ASP B 175 18.87 17.26 1.50
CA ASP B 175 18.72 16.60 2.79
C ASP B 175 17.50 15.69 2.85
N VAL B 176 16.43 16.10 2.15
CA VAL B 176 15.19 15.33 2.11
C VAL B 176 15.40 14.05 1.31
N LEU B 177 16.14 14.18 0.21
CA LEU B 177 16.34 13.09 -0.71
C LEU B 177 17.25 12.07 -0.09
N GLU B 178 18.32 12.54 0.55
CA GLU B 178 19.26 11.63 1.19
C GLU B 178 18.57 10.83 2.26
N ALA B 179 17.82 11.51 3.12
CA ALA B 179 17.09 10.82 4.16
C ALA B 179 16.08 9.80 3.63
N CYS B 180 15.45 10.03 2.47
CA CYS B 180 14.55 9.01 1.84
C CYS B 180 15.34 7.77 1.44
N SER B 181 16.40 7.99 0.65
CA SER B 181 17.33 6.94 0.23
C SER B 181 18.02 6.23 1.39
N LYS B 182 18.45 6.97 2.40
CA LYS B 182 19.01 6.37 3.63
C LYS B 182 18.01 5.45 4.33
N THR B 183 16.73 5.81 4.30
CA THR B 183 15.67 5.13 5.06
C THR B 183 15.25 3.84 4.35
N TYR B 184 15.02 3.94 3.03
CA TYR B 184 14.88 2.76 2.16
C TYR B 184 15.99 1.73 2.35
N SER B 185 17.23 2.20 2.47
CA SER B 185 18.37 1.34 2.79
C SER B 185 18.28 0.56 4.15
N ILE B 186 17.50 1.07 5.13
CA ILE B 186 17.25 0.36 6.41
C ILE B 186 16.10 -0.66 6.28
N LEU B 187 15.09 -0.31 5.49
CA LEU B 187 13.95 -1.19 5.18
C LEU B 187 14.34 -2.39 4.29
N CYS B 188 15.29 -2.21 3.37
CA CYS B 188 16.00 -3.31 2.71
C CYS B 188 17.05 -3.84 3.70
N SER B 189 16.54 -4.44 4.77
CA SER B 189 17.33 -4.97 5.87
C SER B 189 18.00 -6.26 5.42
N GLU B 190 17.23 -7.01 4.62
CA GLU B 190 17.62 -8.26 3.94
C GLU B 190 17.51 -9.53 4.80
N GLU B 191 16.87 -9.40 5.96
CA GLU B 191 16.49 -10.53 6.80
C GLU B 191 15.00 -10.82 6.63
N TYR B 192 14.17 -9.80 6.87
CA TYR B 192 12.80 -10.01 7.34
C TYR B 192 11.77 -10.06 6.20
N THR B 193 10.65 -10.78 6.41
CA THR B 193 9.56 -10.99 5.40
C THR B 193 9.08 -9.73 4.66
N ILE B 194 9.29 -8.58 5.29
CA ILE B 194 9.10 -7.26 4.67
C ILE B 194 9.97 -7.01 3.43
N GLN B 195 11.24 -7.40 3.51
CA GLN B 195 12.26 -7.00 2.54
C GLN B 195 11.77 -7.11 1.11
N ASN B 196 11.16 -8.24 0.77
CA ASN B 196 10.51 -8.44 -0.53
C ASN B 196 9.56 -7.29 -0.93
N ARG B 197 8.72 -6.89 0.02
CA ARG B 197 7.70 -5.83 -0.16
C ARG B 197 8.32 -4.44 -0.37
N VAL B 198 9.46 -4.22 0.28
CA VAL B 198 10.22 -2.96 0.13
C VAL B 198 10.74 -2.90 -1.31
N ASP B 199 11.47 -3.93 -1.73
CA ASP B 199 12.08 -4.03 -3.06
C ASP B 199 11.10 -3.72 -4.18
N ILE B 200 9.89 -4.26 -4.09
CA ILE B 200 8.87 -4.06 -5.12
C ILE B 200 8.46 -2.59 -5.21
N ALA B 201 8.42 -1.92 -4.06
CA ALA B 201 8.14 -0.46 -3.99
C ALA B 201 9.32 0.41 -4.41
N ARG B 202 10.53 -0.03 -4.10
CA ARG B 202 11.75 0.67 -4.49
C ARG B 202 11.90 0.65 -6.01
N SER B 203 11.89 -0.55 -6.58
CA SER B 203 11.86 -0.74 -8.04
C SER B 203 10.76 0.14 -8.63
N GLN B 204 9.55 -0.03 -8.12
CA GLN B 204 8.39 0.78 -8.56
C GLN B 204 8.79 2.26 -8.65
N LEU B 205 9.46 2.73 -7.60
CA LEU B 205 9.84 4.14 -7.46
C LEU B 205 10.87 4.57 -8.52
N ILE B 206 11.98 3.86 -8.55
CA ILE B 206 13.11 4.20 -9.40
C ILE B 206 12.68 4.17 -10.87
N ASP B 207 12.00 3.07 -11.25
CA ASP B 207 11.29 2.93 -12.54
C ASP B 207 10.56 4.21 -12.93
N GLU B 208 9.85 4.80 -11.97
CA GLU B 208 9.10 6.05 -12.21
C GLU B 208 10.03 7.24 -12.41
N PHE B 209 11.11 7.33 -11.64
CA PHE B 209 12.06 8.44 -11.79
C PHE B 209 12.86 8.38 -13.04
N VAL B 210 13.19 7.16 -13.47
CA VAL B 210 13.97 6.97 -14.69
C VAL B 210 13.09 7.30 -15.89
N ASP B 211 11.92 6.66 -16.00
CA ASP B 211 10.96 6.95 -17.09
C ASP B 211 10.79 8.44 -17.30
N ARG B 212 10.64 9.15 -16.18
CA ARG B 212 10.45 10.59 -16.17
C ARG B 212 11.76 11.34 -16.50
N PHE B 213 12.89 10.84 -15.99
CA PHE B 213 14.24 11.40 -16.28
C PHE B 213 14.56 11.38 -17.78
N ASN B 214 14.29 10.25 -18.44
CA ASN B 214 14.59 10.08 -19.86
C ASN B 214 13.77 11.01 -20.75
N HIS B 215 12.47 11.08 -20.47
CA HIS B 215 11.59 12.02 -21.17
C HIS B 215 12.09 13.45 -20.96
N SER B 216 12.53 13.78 -19.72
CA SER B 216 13.12 15.10 -19.37
C SER B 216 14.31 15.41 -20.26
N VAL B 217 15.20 14.42 -20.38
CA VAL B 217 16.43 14.55 -21.15
C VAL B 217 16.11 14.68 -22.63
N GLU B 218 15.20 13.83 -23.13
CA GLU B 218 14.83 13.86 -24.55
C GLU B 218 14.28 15.22 -24.96
N ASP B 219 13.38 15.77 -24.14
CA ASP B 219 12.80 17.10 -24.36
C ASP B 219 13.83 18.22 -24.24
N LEU B 220 14.87 18.01 -23.43
CA LEU B 220 15.95 19.01 -23.24
C LEU B 220 16.90 19.17 -24.43
N LEU B 221 17.27 18.04 -25.04
CA LEU B 221 18.17 18.06 -26.20
C LEU B 221 17.37 18.33 -27.49
N GLN B 222 16.83 19.55 -27.54
CA GLN B 222 15.95 20.06 -28.59
C GLN B 222 16.04 21.59 -28.55
N GLU B 223 15.69 22.19 -27.42
CA GLU B 223 16.01 23.59 -27.13
C GLU B 223 17.17 23.58 -26.15
N ASP B 228 14.75 26.37 -23.10
CA ASP B 228 13.57 26.75 -22.31
C ASP B 228 13.72 26.27 -20.85
N ASP B 229 13.24 27.08 -19.90
CA ASP B 229 13.41 26.85 -18.45
C ASP B 229 12.72 25.61 -17.91
N ASP B 230 11.43 25.49 -18.16
CA ASP B 230 10.65 24.35 -17.67
C ASP B 230 11.29 22.98 -18.02
N ASP B 231 11.99 22.92 -19.17
CA ASP B 231 12.82 21.76 -19.54
C ASP B 231 13.91 21.50 -18.50
N ILE B 232 14.70 22.54 -18.22
CA ILE B 232 15.93 22.48 -17.40
C ILE B 232 15.65 21.93 -16.01
N TYR B 233 14.61 22.46 -15.36
CA TYR B 233 14.22 22.00 -14.03
C TYR B 233 13.84 20.51 -14.06
N ASN B 234 13.02 20.09 -15.04
CA ASN B 234 12.64 18.67 -15.20
C ASN B 234 13.82 17.72 -15.07
N VAL B 235 14.91 18.05 -15.76
CA VAL B 235 16.13 17.24 -15.76
C VAL B 235 16.83 17.35 -14.40
N LEU B 236 17.12 18.58 -13.97
CA LEU B 236 17.85 18.78 -12.71
C LEU B 236 17.14 18.17 -11.53
N SER B 237 15.81 18.20 -11.55
CA SER B 237 15.05 17.62 -10.47
C SER B 237 15.17 16.10 -10.52
N THR B 238 14.76 15.50 -11.65
CA THR B 238 14.71 14.03 -11.80
C THR B 238 16.08 13.37 -11.64
N LEU B 239 17.11 14.05 -12.16
CA LEU B 239 18.50 13.60 -12.01
C LEU B 239 18.90 13.58 -10.55
N LYS B 240 18.71 14.73 -9.88
CA LYS B 240 19.06 14.92 -8.47
C LYS B 240 18.47 13.83 -7.57
N ARG B 241 17.24 13.44 -7.87
CA ARG B 241 16.57 12.37 -7.15
C ARG B 241 17.27 11.04 -7.36
N LEU B 242 17.43 10.66 -8.62
CA LEU B 242 18.10 9.42 -8.97
C LEU B 242 19.52 9.41 -8.40
N THR B 243 20.16 10.57 -8.49
CA THR B 243 21.53 10.71 -8.05
C THR B 243 21.74 10.42 -6.55
N SER B 244 21.07 11.16 -5.67
CA SER B 244 21.20 10.92 -4.22
C SER B 244 20.79 9.49 -3.82
N PHE B 245 19.88 8.89 -4.60
CA PHE B 245 19.57 7.46 -4.50
C PHE B 245 20.70 6.53 -4.97
N HIS B 246 21.37 6.89 -6.07
CA HIS B 246 22.43 6.03 -6.68
C HIS B 246 23.65 5.74 -5.80
N ASN B 247 23.86 6.58 -4.79
CA ASN B 247 24.89 6.39 -3.77
C ASN B 247 24.67 5.10 -2.99
N ALA B 248 23.48 5.01 -2.39
CA ALA B 248 23.14 3.94 -1.46
C ALA B 248 22.55 2.70 -2.15
N HIS B 249 21.95 2.91 -3.33
CA HIS B 249 21.23 1.88 -4.08
C HIS B 249 21.89 1.62 -5.43
N ASP B 250 22.34 0.40 -5.65
CA ASP B 250 22.79 -0.03 -6.97
C ASP B 250 21.66 0.15 -8.05
N LEU B 251 21.78 1.20 -8.85
CA LEU B 251 20.87 1.42 -9.99
C LEU B 251 21.60 1.13 -11.32
N THR B 252 22.30 0.01 -11.41
CA THR B 252 22.97 -0.36 -12.66
C THR B 252 22.01 -0.96 -13.68
N LYS B 253 21.09 -1.82 -13.23
CA LYS B 253 20.08 -2.43 -14.11
C LYS B 253 19.27 -1.36 -14.92
N TRP B 254 19.23 -0.12 -14.40
CA TRP B 254 18.74 1.06 -15.14
C TRP B 254 19.94 1.76 -15.81
N ASP B 255 19.81 2.09 -17.10
CA ASP B 255 20.95 2.60 -17.88
C ASP B 255 21.08 4.13 -17.73
N LEU B 256 21.47 4.56 -16.54
CA LEU B 256 21.64 5.98 -16.25
C LEU B 256 22.93 6.52 -16.81
N PHE B 257 24.00 5.72 -16.73
CA PHE B 257 25.28 6.22 -17.17
C PHE B 257 25.19 6.82 -18.57
N GLY B 258 24.43 6.18 -19.47
CA GLY B 258 24.30 6.66 -20.83
C GLY B 258 23.87 8.12 -20.89
N ASN B 259 22.71 8.41 -20.33
CA ASN B 259 22.18 9.77 -20.39
C ASN B 259 23.01 10.80 -19.66
N CYS B 260 23.64 10.40 -18.56
CA CYS B 260 24.56 11.29 -17.89
C CYS B 260 25.78 11.58 -18.78
N TYR B 261 26.26 10.57 -19.52
CA TYR B 261 27.32 10.78 -20.52
C TYR B 261 26.85 11.68 -21.67
N ARG B 262 25.62 11.48 -22.10
CA ARG B 262 25.05 12.33 -23.13
C ARG B 262 25.02 13.80 -22.67
N LEU B 263 24.39 14.03 -21.53
CA LEU B 263 24.28 15.39 -20.94
C LEU B 263 25.64 16.11 -20.76
N LEU B 264 26.65 15.35 -20.36
CA LEU B 264 27.97 15.94 -20.13
C LEU B 264 28.64 16.31 -21.46
N LYS B 265 28.63 15.38 -22.41
CA LYS B 265 29.16 15.65 -23.75
C LYS B 265 28.46 16.82 -24.46
N THR B 266 27.14 16.95 -24.28
CA THR B 266 26.39 18.11 -24.83
C THR B 266 26.89 19.42 -24.21
N GLY B 267 27.12 19.40 -22.90
CA GLY B 267 27.63 20.56 -22.16
C GLY B 267 29.08 20.90 -22.49
N ILE B 268 29.86 19.91 -22.93
CA ILE B 268 31.23 20.14 -23.41
C ILE B 268 31.24 20.77 -24.82
N GLU B 269 30.68 20.08 -25.82
CA GLU B 269 30.72 20.55 -27.23
C GLU B 269 30.01 21.90 -27.50
N HIS B 270 29.19 22.38 -26.57
CA HIS B 270 28.55 23.71 -26.68
C HIS B 270 28.89 24.66 -25.53
N GLY B 271 28.70 24.20 -24.29
CA GLY B 271 28.76 25.06 -23.12
C GLY B 271 27.39 25.49 -22.67
N ALA B 272 26.34 24.86 -23.19
CA ALA B 272 24.98 25.33 -22.91
C ALA B 272 24.39 24.81 -21.58
N MET B 273 25.00 23.76 -21.02
CA MET B 273 24.38 22.94 -19.96
C MET B 273 24.59 23.50 -18.55
N PRO B 274 23.50 23.83 -17.82
CA PRO B 274 23.59 24.43 -16.47
C PRO B 274 24.54 23.71 -15.49
N GLU B 275 25.18 24.48 -14.63
CA GLU B 275 26.22 23.92 -13.76
C GLU B 275 25.71 22.80 -12.85
N GLN B 276 24.50 22.93 -12.31
CA GLN B 276 24.00 21.90 -11.39
C GLN B 276 23.73 20.57 -12.11
N ILE B 277 23.17 20.62 -13.31
CA ILE B 277 22.96 19.41 -14.11
C ILE B 277 24.29 18.71 -14.40
N VAL B 278 25.32 19.49 -14.70
CA VAL B 278 26.65 18.95 -14.96
C VAL B 278 27.23 18.32 -13.70
N VAL B 279 27.06 18.99 -12.57
CA VAL B 279 27.58 18.52 -11.29
C VAL B 279 26.99 17.16 -10.95
N GLN B 280 25.67 17.07 -11.07
CA GLN B 280 24.93 15.86 -10.68
C GLN B 280 25.19 14.69 -11.63
N ALA B 281 25.24 14.96 -12.93
CA ALA B 281 25.54 13.95 -13.93
C ALA B 281 26.91 13.32 -13.69
N LEU B 282 27.88 14.16 -13.37
CA LEU B 282 29.19 13.70 -12.89
C LEU B 282 29.02 12.82 -11.67
N GLN B 283 28.33 13.35 -10.67
CA GLN B 283 28.12 12.64 -9.41
C GLN B 283 27.42 11.29 -9.61
N CYS B 284 26.46 11.23 -10.53
CA CYS B 284 25.67 10.00 -10.78
C CYS B 284 26.48 8.99 -11.53
N SER B 285 27.15 9.47 -12.59
CA SER B 285 28.02 8.64 -13.42
C SER B 285 29.11 7.97 -12.60
N HIS B 286 29.63 8.70 -11.61
CA HIS B 286 30.59 8.16 -10.65
C HIS B 286 29.99 7.01 -9.85
N TYR B 287 28.79 7.23 -9.32
CA TYR B 287 28.10 6.21 -8.54
C TYR B 287 27.84 4.95 -9.41
N SER B 288 27.39 5.17 -10.64
CA SER B 288 27.20 4.07 -11.62
C SER B 288 28.47 3.23 -11.71
N ILE B 289 29.58 3.94 -11.92
CA ILE B 289 30.90 3.34 -12.01
C ILE B 289 31.33 2.62 -10.73
N LEU B 290 31.14 3.25 -9.58
CA LEU B 290 31.44 2.61 -8.29
C LEU B 290 30.66 1.30 -8.08
N TRP B 291 29.38 1.31 -8.48
CA TRP B 291 28.54 0.13 -8.37
C TRP B 291 28.94 -0.93 -9.38
N GLN B 292 29.29 -0.53 -10.59
CA GLN B 292 29.79 -1.50 -11.58
C GLN B 292 31.04 -2.24 -11.07
N LEU B 293 31.99 -1.51 -10.46
CA LEU B 293 33.22 -2.12 -9.89
C LEU B 293 32.95 -3.11 -8.77
N VAL B 294 31.93 -2.83 -7.97
CA VAL B 294 31.53 -3.72 -6.89
C VAL B 294 30.95 -5.03 -7.44
N LYS B 295 30.13 -4.95 -8.49
CA LYS B 295 29.60 -6.15 -9.17
C LYS B 295 30.75 -7.07 -9.63
N ILE B 296 31.79 -6.44 -10.13
CA ILE B 296 32.96 -7.13 -10.65
C ILE B 296 33.90 -7.64 -9.57
N THR B 297 34.22 -6.80 -8.59
CA THR B 297 35.11 -7.22 -7.49
C THR B 297 34.53 -8.37 -6.63
N ASP B 298 33.20 -8.47 -6.54
CA ASP B 298 32.53 -9.47 -5.68
C ASP B 298 31.99 -10.71 -6.40
N GLY B 299 31.69 -10.62 -7.70
CA GLY B 299 31.31 -11.82 -8.50
C GLY B 299 32.53 -12.57 -9.00
N SER B 300 32.38 -13.27 -10.13
CA SER B 300 33.53 -13.66 -10.97
C SER B 300 33.27 -13.10 -12.37
N PRO B 301 34.21 -12.26 -12.90
CA PRO B 301 33.99 -11.62 -14.19
C PRO B 301 34.75 -12.30 -15.36
N SER B 302 34.19 -12.22 -16.58
CA SER B 302 34.90 -12.60 -17.81
C SER B 302 35.83 -11.47 -18.25
N LYS B 303 36.68 -11.74 -19.23
CA LYS B 303 37.55 -10.69 -19.75
C LYS B 303 36.70 -9.61 -20.40
N GLU B 304 35.65 -10.03 -21.10
CA GLU B 304 34.69 -9.12 -21.74
C GLU B 304 34.09 -8.13 -20.74
N ASP B 305 33.70 -8.66 -19.57
CA ASP B 305 33.17 -7.85 -18.47
C ASP B 305 34.18 -6.77 -18.09
N LEU B 306 35.40 -7.19 -17.74
CA LEU B 306 36.49 -6.28 -17.39
C LEU B 306 36.71 -5.18 -18.42
N LEU B 307 36.61 -5.51 -19.72
CA LEU B 307 36.88 -4.53 -20.80
C LEU B 307 35.76 -3.50 -20.93
N VAL B 308 34.52 -4.00 -20.91
CA VAL B 308 33.31 -3.15 -21.00
C VAL B 308 33.40 -1.93 -20.08
N LEU B 309 33.90 -2.17 -18.86
CA LEU B 309 34.12 -1.16 -17.84
C LEU B 309 35.31 -0.25 -18.11
N ARG B 310 36.46 -0.83 -18.46
CA ARG B 310 37.67 -0.05 -18.73
C ARG B 310 37.40 1.02 -19.78
N LYS B 311 36.56 0.69 -20.75
CA LYS B 311 36.07 1.62 -21.79
C LYS B 311 35.36 2.80 -21.14
N THR B 312 34.32 2.46 -20.38
CA THR B 312 33.47 3.41 -19.66
C THR B 312 34.33 4.31 -18.75
N VAL B 313 35.19 3.70 -17.95
CA VAL B 313 36.00 4.44 -16.99
C VAL B 313 36.89 5.45 -17.71
N LYS B 314 37.47 5.05 -18.85
CA LYS B 314 38.21 6.01 -19.69
C LYS B 314 37.28 7.06 -20.30
N SER B 315 36.13 6.63 -20.86
CA SER B 315 35.08 7.55 -21.35
C SER B 315 34.78 8.66 -20.35
N PHE B 316 34.65 8.25 -19.09
CA PHE B 316 34.33 9.17 -18.03
C PHE B 316 35.51 10.08 -17.70
N LEU B 317 36.70 9.50 -17.51
CA LEU B 317 37.89 10.28 -17.12
C LEU B 317 38.14 11.42 -18.09
N ALA B 318 38.12 11.07 -19.37
CA ALA B 318 38.04 12.03 -20.46
C ALA B 318 37.04 13.15 -20.19
N VAL B 319 35.80 12.77 -19.91
CA VAL B 319 34.75 13.75 -19.62
C VAL B 319 35.12 14.61 -18.39
N CYS B 320 35.67 13.98 -17.35
CA CYS B 320 36.07 14.69 -16.13
C CYS B 320 37.20 15.67 -16.38
N GLN B 321 38.19 15.29 -17.20
CA GLN B 321 39.29 16.21 -17.52
C GLN B 321 38.78 17.35 -18.40
N GLN B 322 38.02 17.03 -19.44
CA GLN B 322 37.32 18.03 -20.25
C GLN B 322 36.53 19.00 -19.34
N CYS B 323 35.97 18.48 -18.25
CA CYS B 323 35.25 19.30 -17.27
C CYS B 323 36.10 20.23 -16.38
N LEU B 324 37.41 19.99 -16.25
CA LEU B 324 38.30 20.92 -15.51
C LEU B 324 38.35 22.32 -16.10
N SER B 325 38.06 22.40 -17.39
CA SER B 325 37.94 23.66 -18.12
C SER B 325 36.56 24.29 -18.07
N ASN B 326 35.58 23.69 -17.40
CA ASN B 326 34.23 24.28 -17.38
C ASN B 326 34.31 25.58 -16.62
N VAL B 327 33.55 26.57 -17.07
CA VAL B 327 33.65 27.93 -16.53
C VAL B 327 33.19 28.07 -15.07
N ASN B 328 32.22 27.27 -14.64
CA ASN B 328 31.65 27.37 -13.28
C ASN B 328 32.53 26.59 -12.32
N THR B 329 32.93 27.22 -11.21
CA THR B 329 33.88 26.59 -10.25
C THR B 329 33.39 25.27 -9.64
N PRO B 330 32.13 25.22 -9.15
CA PRO B 330 31.64 23.94 -8.64
C PRO B 330 31.92 22.77 -9.59
N VAL B 331 31.71 22.99 -10.89
CA VAL B 331 31.90 21.96 -11.93
C VAL B 331 33.36 21.50 -12.02
N LYS B 332 34.28 22.42 -11.78
CA LYS B 332 35.70 22.07 -11.72
C LYS B 332 36.03 21.28 -10.45
N GLU B 333 35.52 21.74 -9.32
CA GLU B 333 35.84 21.11 -8.04
C GLU B 333 35.36 19.68 -8.02
N GLN B 334 34.13 19.46 -8.47
CA GLN B 334 33.54 18.11 -8.59
C GLN B 334 34.40 17.22 -9.53
N ALA B 335 34.61 17.70 -10.76
CA ALA B 335 35.45 17.01 -11.76
C ALA B 335 36.75 16.56 -11.13
N PHE B 336 37.41 17.50 -10.46
CA PHE B 336 38.70 17.27 -9.77
C PHE B 336 38.60 16.24 -8.63
N MET B 337 37.59 16.38 -7.79
CA MET B 337 37.38 15.43 -6.71
C MET B 337 37.19 14.02 -7.27
N LEU B 338 36.34 13.94 -8.31
CA LEU B 338 36.04 12.66 -8.94
C LEU B 338 37.26 11.99 -9.54
N LEU B 339 38.16 12.77 -10.12
CA LEU B 339 39.43 12.25 -10.67
C LEU B 339 40.35 11.74 -9.56
N CYS B 340 40.56 12.59 -8.56
CA CYS B 340 41.41 12.24 -7.42
C CYS B 340 40.91 10.99 -6.69
N ASP B 341 39.58 10.81 -6.64
CA ASP B 341 39.00 9.58 -6.12
C ASP B 341 39.13 8.41 -7.13
N LEU B 342 38.91 8.67 -8.43
CA LEU B 342 38.96 7.60 -9.46
C LEU B 342 40.35 7.05 -9.75
N LEU B 343 41.33 7.94 -9.85
CA LEU B 343 42.73 7.53 -10.02
C LEU B 343 43.23 6.68 -8.84
N MET B 344 42.74 7.03 -7.65
CA MET B 344 42.99 6.28 -6.41
C MET B 344 42.33 4.89 -6.45
N ILE B 345 41.11 4.83 -7.00
CA ILE B 345 40.35 3.57 -7.08
C ILE B 345 40.91 2.60 -8.12
N PHE B 346 41.23 3.11 -9.30
CA PHE B 346 41.72 2.29 -10.40
C PHE B 346 43.25 2.36 -10.53
N SER B 347 43.93 1.63 -9.65
CA SER B 347 45.38 1.65 -9.57
C SER B 347 45.82 0.35 -8.94
N HIS B 348 47.13 0.15 -8.78
CA HIS B 348 47.67 -1.08 -8.16
C HIS B 348 46.93 -1.49 -6.88
N GLN B 349 46.49 -0.51 -6.08
CA GLN B 349 45.67 -0.77 -4.89
C GLN B 349 44.62 -1.82 -5.22
N LEU B 350 43.97 -1.62 -6.36
CA LEU B 350 42.94 -2.52 -6.88
C LEU B 350 43.36 -3.99 -6.99
N MET B 351 44.65 -4.23 -7.25
CA MET B 351 45.17 -5.58 -7.49
C MET B 351 45.59 -6.37 -6.24
N THR B 352 46.02 -5.68 -5.19
CA THR B 352 46.57 -6.36 -4.02
C THR B 352 45.54 -7.24 -3.30
N GLY B 353 46.06 -8.18 -2.53
CA GLY B 353 45.26 -9.15 -1.81
C GLY B 353 44.66 -10.18 -2.73
N GLY B 354 45.50 -10.89 -3.48
CA GLY B 354 45.09 -11.98 -4.37
C GLY B 354 44.06 -11.64 -5.45
N ARG B 355 44.06 -10.37 -5.90
CA ARG B 355 43.14 -9.86 -6.93
C ARG B 355 43.94 -9.32 -8.13
N GLU B 356 44.88 -10.13 -8.60
CA GLU B 356 45.73 -9.77 -9.73
C GLU B 356 44.92 -9.82 -11.03
N GLY B 357 43.87 -10.64 -11.05
CA GLY B 357 42.95 -10.74 -12.18
C GLY B 357 42.44 -9.44 -12.76
N LEU B 358 42.37 -8.40 -11.93
CA LEU B 358 41.85 -7.07 -12.33
C LEU B 358 42.92 -6.11 -12.87
N GLN B 359 43.96 -6.65 -13.48
CA GLN B 359 44.99 -5.86 -14.13
C GLN B 359 44.43 -4.91 -15.23
N PRO B 360 43.54 -5.40 -16.13
CA PRO B 360 43.06 -4.55 -17.24
C PRO B 360 42.35 -3.25 -16.83
N LEU B 361 41.82 -3.19 -15.61
CA LEU B 361 41.11 -2.02 -15.05
C LEU B 361 41.99 -0.92 -14.46
N VAL B 362 43.29 -1.16 -14.36
CA VAL B 362 44.21 -0.18 -13.79
C VAL B 362 44.34 1.00 -14.77
N PHE B 363 44.57 2.19 -14.20
CA PHE B 363 44.92 3.39 -14.96
C PHE B 363 46.10 4.05 -14.30
N ASN B 364 47.16 4.27 -15.06
CA ASN B 364 48.19 5.21 -14.68
C ASN B 364 47.84 6.49 -15.42
N PRO B 365 47.82 7.64 -14.73
CA PRO B 365 47.54 8.87 -15.46
C PRO B 365 48.71 9.27 -16.35
N ASP B 366 48.41 9.97 -17.43
CA ASP B 366 49.46 10.51 -18.29
C ASP B 366 49.97 11.84 -17.75
N THR B 367 51.09 12.29 -18.31
CA THR B 367 51.73 13.55 -17.93
C THR B 367 50.87 14.78 -18.23
N GLY B 368 50.03 14.70 -19.25
CA GLY B 368 49.07 15.77 -19.55
C GLY B 368 48.10 15.99 -18.40
N LEU B 369 47.65 14.88 -17.81
CA LEU B 369 46.69 14.91 -16.70
C LEU B 369 47.34 15.39 -15.40
N GLN B 370 48.40 14.70 -14.96
CA GLN B 370 49.14 15.11 -13.74
C GLN B 370 49.45 16.59 -13.76
N SER B 371 50.02 17.04 -14.88
CA SER B 371 50.25 18.46 -15.13
C SER B 371 48.98 19.30 -14.88
N GLU B 372 47.82 18.83 -15.33
CA GLU B 372 46.56 19.60 -15.21
C GLU B 372 45.88 19.53 -13.83
N LEU B 373 46.08 18.41 -13.14
CA LEU B 373 45.66 18.27 -11.75
C LEU B 373 46.50 19.18 -10.87
N LEU B 374 47.80 19.10 -11.05
CA LEU B 374 48.74 20.07 -10.46
C LEU B 374 48.27 21.51 -10.65
N SER B 375 47.98 21.89 -11.89
CA SER B 375 47.54 23.24 -12.28
C SER B 375 46.24 23.71 -11.61
N PHE B 376 45.36 22.76 -11.29
CA PHE B 376 44.14 23.05 -10.53
C PHE B 376 44.42 23.39 -9.06
N VAL B 377 45.38 22.67 -8.48
CA VAL B 377 45.74 22.83 -7.06
C VAL B 377 46.40 24.19 -6.81
N MET B 378 47.37 24.58 -7.65
CA MET B 378 48.00 25.91 -7.55
C MET B 378 46.99 27.02 -7.70
N ASP B 379 46.06 26.85 -8.63
CA ASP B 379 45.06 27.87 -8.89
C ASP B 379 43.99 27.97 -7.78
N HIS B 380 43.52 26.83 -7.26
CA HIS B 380 42.35 26.80 -6.32
C HIS B 380 42.66 26.55 -4.86
N VAL B 381 43.82 25.99 -4.55
CA VAL B 381 44.21 25.78 -3.17
C VAL B 381 45.00 26.98 -2.63
N PHE B 382 45.93 27.54 -3.40
CA PHE B 382 46.91 28.53 -2.88
C PHE B 382 46.64 30.00 -3.31
N ILE B 383 46.17 30.83 -2.36
CA ILE B 383 45.55 32.17 -2.62
C ILE B 383 45.99 33.30 -1.61
N ASP B 384 45.51 34.54 -1.79
CA ASP B 384 45.69 35.63 -0.81
C ASP B 384 45.46 35.22 0.64
N ASP B 398 31.26 38.39 7.41
CA ASP B 398 30.98 37.24 8.26
C ASP B 398 32.18 36.28 8.34
N GLU B 399 32.70 36.11 9.56
CA GLU B 399 33.89 35.29 9.83
C GLU B 399 33.66 33.77 9.83
N ALA B 400 32.40 33.35 9.81
CA ALA B 400 32.02 31.94 9.63
C ALA B 400 31.83 31.56 8.14
N ASN B 401 31.70 32.55 7.27
CA ASN B 401 31.60 32.32 5.82
C ASN B 401 32.93 31.87 5.19
N LYS B 402 34.05 32.31 5.76
CA LYS B 402 35.36 32.02 5.17
C LYS B 402 35.94 30.68 5.67
N ILE B 403 35.57 30.28 6.89
CA ILE B 403 35.92 28.94 7.41
C ILE B 403 35.01 27.88 6.73
N GLU B 404 33.95 28.32 6.08
CA GLU B 404 33.26 27.52 5.07
C GLU B 404 34.26 27.09 4.00
N ALA B 405 34.76 28.07 3.24
CA ALA B 405 35.57 27.78 2.05
C ALA B 405 36.99 27.22 2.32
N LEU B 406 37.49 27.32 3.55
CA LEU B 406 38.80 26.79 3.90
C LEU B 406 38.78 25.27 3.91
N HIS B 407 37.83 24.69 4.64
CA HIS B 407 37.70 23.22 4.72
C HIS B 407 37.47 22.60 3.34
N LYS B 408 36.77 23.34 2.49
CA LYS B 408 36.59 22.96 1.09
C LYS B 408 37.95 22.86 0.37
N ARG B 409 38.77 23.89 0.49
CA ARG B 409 40.10 23.86 -0.13
C ARG B 409 40.93 22.74 0.47
N ARG B 410 40.90 22.63 1.80
CA ARG B 410 41.63 21.59 2.51
C ARG B 410 41.29 20.18 2.00
N ASN B 411 40.05 19.96 1.59
CA ASN B 411 39.64 18.68 0.97
C ASN B 411 40.16 18.46 -0.45
N LEU B 412 40.21 19.53 -1.24
CA LEU B 412 40.77 19.47 -2.61
C LEU B 412 42.24 19.07 -2.49
N LEU B 413 42.95 19.71 -1.57
CA LEU B 413 44.36 19.42 -1.32
C LEU B 413 44.55 17.98 -0.85
N ALA B 414 43.81 17.59 0.18
CA ALA B 414 43.93 16.26 0.75
C ALA B 414 43.61 15.15 -0.26
N ALA B 415 42.71 15.44 -1.20
CA ALA B 415 42.39 14.51 -2.28
C ALA B 415 43.56 14.28 -3.25
N PHE B 416 44.31 15.34 -3.55
CA PHE B 416 45.50 15.28 -4.42
C PHE B 416 46.71 14.66 -3.70
N SER B 417 46.86 14.98 -2.42
CA SER B 417 47.91 14.38 -1.55
C SER B 417 47.87 12.87 -1.56
N LYS B 418 46.68 12.31 -1.43
CA LYS B 418 46.48 10.85 -1.41
C LYS B 418 47.13 10.19 -2.65
N LEU B 419 47.05 10.86 -3.80
CA LEU B 419 47.71 10.38 -5.02
C LEU B 419 49.21 10.36 -4.87
N ILE B 420 49.77 11.39 -4.24
CA ILE B 420 51.19 11.48 -3.94
C ILE B 420 51.70 10.43 -2.94
N ILE B 421 51.01 10.25 -1.82
CA ILE B 421 51.40 9.21 -0.85
C ILE B 421 51.28 7.80 -1.44
N TYR B 422 50.36 7.58 -2.39
CA TYR B 422 50.13 6.23 -2.95
C TYR B 422 50.87 5.96 -4.28
N ASP B 423 51.84 6.82 -4.65
CA ASP B 423 52.75 6.59 -5.79
C ASP B 423 52.14 6.89 -7.17
N ILE B 424 51.02 7.62 -7.19
CA ILE B 424 50.16 7.73 -8.38
C ILE B 424 50.47 8.96 -9.24
N VAL B 425 50.73 10.09 -8.60
CA VAL B 425 51.26 11.27 -9.27
C VAL B 425 52.68 11.41 -8.76
N ASP B 426 53.61 11.75 -9.65
CA ASP B 426 55.01 11.83 -9.28
C ASP B 426 55.32 13.09 -8.48
N MET B 427 56.17 12.94 -7.46
CA MET B 427 56.39 14.02 -6.50
C MET B 427 57.25 15.18 -7.02
N HIS B 428 58.18 14.89 -7.93
CA HIS B 428 59.03 15.94 -8.57
C HIS B 428 58.17 16.80 -9.49
N ALA B 429 57.24 16.17 -10.21
CA ALA B 429 56.19 16.88 -10.93
C ALA B 429 55.30 17.63 -9.94
N ALA B 430 54.93 16.95 -8.86
CA ALA B 430 54.09 17.51 -7.78
C ALA B 430 54.79 18.41 -6.74
N ALA B 431 56.06 18.75 -6.98
CA ALA B 431 56.79 19.64 -6.08
C ALA B 431 56.31 21.09 -6.10
N ASP B 432 55.51 21.48 -7.10
CA ASP B 432 55.00 22.85 -7.20
C ASP B 432 54.23 23.36 -5.95
N ILE B 433 53.64 22.45 -5.16
CA ILE B 433 52.83 22.82 -3.95
C ILE B 433 53.61 23.21 -2.67
N PHE B 434 54.72 22.48 -2.40
CA PHE B 434 55.52 22.65 -1.15
C PHE B 434 56.36 23.94 -1.16
N LYS B 435 56.51 24.54 -2.36
CA LYS B 435 56.97 25.94 -2.57
C LYS B 435 56.30 26.93 -1.62
N HIS B 436 54.99 26.78 -1.43
CA HIS B 436 54.25 27.51 -0.41
C HIS B 436 53.74 26.50 0.66
N TYR B 437 54.68 25.90 1.40
CA TYR B 437 54.39 25.03 2.58
C TYR B 437 54.38 25.86 3.85
N MET B 438 55.46 26.58 4.09
CA MET B 438 55.55 27.48 5.23
C MET B 438 54.56 28.64 5.06
N LYS B 439 54.41 29.14 3.83
CA LYS B 439 53.52 30.30 3.56
C LYS B 439 52.06 30.03 3.99
N TYR B 440 51.62 28.76 3.91
CA TYR B 440 50.31 28.35 4.39
C TYR B 440 50.46 27.17 5.37
N TYR B 441 51.35 27.30 6.35
CA TYR B 441 51.44 26.27 7.39
C TYR B 441 50.18 26.30 8.25
N ASN B 442 49.65 27.50 8.51
CA ASN B 442 48.40 27.64 9.24
C ASN B 442 47.24 26.97 8.50
N ASP B 443 47.01 27.34 7.24
CA ASP B 443 45.89 26.78 6.47
C ASP B 443 46.02 25.28 6.14
N TYR B 444 47.19 24.84 5.68
CA TYR B 444 47.37 23.45 5.14
C TYR B 444 48.45 22.57 5.79
N GLY B 445 49.41 23.19 6.49
CA GLY B 445 50.47 22.52 7.24
C GLY B 445 50.31 21.04 7.55
N ASP B 446 49.26 20.67 8.29
CA ASP B 446 49.07 19.27 8.70
C ASP B 446 48.96 18.34 7.48
N ILE B 447 48.20 18.76 6.46
CA ILE B 447 48.02 17.99 5.23
C ILE B 447 49.36 17.87 4.50
N ILE B 448 50.08 18.98 4.35
CA ILE B 448 51.37 18.94 3.67
C ILE B 448 52.39 18.12 4.46
N LYS B 449 52.67 18.52 5.68
CA LYS B 449 53.70 17.83 6.50
C LYS B 449 53.49 16.29 6.61
N GLU B 450 52.23 15.82 6.53
CA GLU B 450 51.96 14.37 6.50
C GLU B 450 52.17 13.69 5.12
N THR B 451 52.16 14.49 4.05
CA THR B 451 52.55 14.02 2.71
C THR B 451 54.07 13.88 2.60
N LEU B 452 54.76 14.98 2.92
CA LEU B 452 56.23 15.04 2.89
C LEU B 452 56.86 14.04 3.83
N SER B 453 56.19 13.75 4.95
CA SER B 453 56.64 12.73 5.89
C SER B 453 56.58 11.33 5.28
N LYS B 454 55.38 10.86 4.94
CA LYS B 454 55.20 9.43 4.61
C LYS B 454 55.84 8.95 3.29
N THR B 455 56.07 9.85 2.33
CA THR B 455 56.82 9.49 1.12
C THR B 455 58.31 9.75 1.35
#